data_3TVB
# 
_entry.id   3TVB 
# 
_audit_conform.dict_name       mmcif_pdbx.dic 
_audit_conform.dict_version    5.387 
_audit_conform.dict_location   http://mmcif.pdb.org/dictionaries/ascii/mmcif_pdbx.dic 
# 
loop_
_database_2.database_id 
_database_2.database_code 
_database_2.pdbx_database_accession 
_database_2.pdbx_DOI 
PDB   3TVB         pdb_00003tvb 10.2210/pdb3tvb/pdb 
NDB   NA1314       ?            ?                   
RCSB  RCSB067964   ?            ?                   
WWPDB D_1000067964 ?            ?                   
# 
loop_
_pdbx_audit_revision_history.ordinal 
_pdbx_audit_revision_history.data_content_type 
_pdbx_audit_revision_history.major_revision 
_pdbx_audit_revision_history.minor_revision 
_pdbx_audit_revision_history.revision_date 
1 'Structure model' 1 0 2012-03-14 
2 'Structure model' 1 1 2012-07-11 
3 'Structure model' 1 2 2020-01-29 
4 'Structure model' 1 3 2024-02-28 
# 
_pdbx_audit_revision_details.ordinal             1 
_pdbx_audit_revision_details.revision_ordinal    1 
_pdbx_audit_revision_details.data_content_type   'Structure model' 
_pdbx_audit_revision_details.provider            repository 
_pdbx_audit_revision_details.type                'Initial release' 
_pdbx_audit_revision_details.description         ? 
_pdbx_audit_revision_details.details             ? 
# 
loop_
_pdbx_audit_revision_group.ordinal 
_pdbx_audit_revision_group.revision_ordinal 
_pdbx_audit_revision_group.data_content_type 
_pdbx_audit_revision_group.group 
1 2 'Structure model' 'Database references'  
2 3 'Structure model' Advisory               
3 3 'Structure model' 'Data collection'      
4 3 'Structure model' 'Derived calculations' 
5 4 'Structure model' 'Data collection'      
6 4 'Structure model' 'Database references'  
7 4 'Structure model' 'Derived calculations' 
# 
loop_
_pdbx_audit_revision_category.ordinal 
_pdbx_audit_revision_category.revision_ordinal 
_pdbx_audit_revision_category.data_content_type 
_pdbx_audit_revision_category.category 
1  3 'Structure model' ndb_struct_na_base_pair      
2  3 'Structure model' ndb_struct_na_base_pair_step 
3  3 'Structure model' pdbx_distant_solvent_atoms   
4  3 'Structure model' pdbx_struct_assembly         
5  3 'Structure model' pdbx_struct_assembly_gen     
6  3 'Structure model' pdbx_struct_assembly_prop    
7  3 'Structure model' struct_biol                  
8  3 'Structure model' struct_conn                  
9  3 'Structure model' struct_conn_type             
10 4 'Structure model' chem_comp_atom               
11 4 'Structure model' chem_comp_bond               
12 4 'Structure model' database_2                   
13 4 'Structure model' pdbx_struct_conn_angle       
14 4 'Structure model' struct_conn                  
15 4 'Structure model' struct_site                  
# 
loop_
_pdbx_audit_revision_item.ordinal 
_pdbx_audit_revision_item.revision_ordinal 
_pdbx_audit_revision_item.data_content_type 
_pdbx_audit_revision_item.item 
1  4 'Structure model' '_database_2.pdbx_DOI'                        
2  4 'Structure model' '_database_2.pdbx_database_accession'         
3  4 'Structure model' '_pdbx_struct_conn_angle.ptnr1_auth_asym_id'  
4  4 'Structure model' '_pdbx_struct_conn_angle.ptnr1_auth_seq_id'   
5  4 'Structure model' '_pdbx_struct_conn_angle.ptnr1_label_asym_id' 
6  4 'Structure model' '_pdbx_struct_conn_angle.ptnr1_label_seq_id'  
7  4 'Structure model' '_pdbx_struct_conn_angle.ptnr2_auth_asym_id'  
8  4 'Structure model' '_pdbx_struct_conn_angle.ptnr2_auth_comp_id'  
9  4 'Structure model' '_pdbx_struct_conn_angle.ptnr2_auth_seq_id'   
10 4 'Structure model' '_pdbx_struct_conn_angle.ptnr2_label_asym_id' 
11 4 'Structure model' '_pdbx_struct_conn_angle.ptnr2_label_atom_id' 
12 4 'Structure model' '_pdbx_struct_conn_angle.ptnr2_label_comp_id' 
13 4 'Structure model' '_pdbx_struct_conn_angle.ptnr3_auth_asym_id'  
14 4 'Structure model' '_pdbx_struct_conn_angle.ptnr3_auth_seq_id'   
15 4 'Structure model' '_pdbx_struct_conn_angle.ptnr3_label_asym_id' 
16 4 'Structure model' '_pdbx_struct_conn_angle.ptnr3_label_seq_id'  
17 4 'Structure model' '_pdbx_struct_conn_angle.value'               
18 4 'Structure model' '_struct_conn.pdbx_dist_value'                
19 4 'Structure model' '_struct_conn.ptnr1_auth_asym_id'             
20 4 'Structure model' '_struct_conn.ptnr1_auth_comp_id'             
21 4 'Structure model' '_struct_conn.ptnr1_auth_seq_id'              
22 4 'Structure model' '_struct_conn.ptnr1_label_asym_id'            
23 4 'Structure model' '_struct_conn.ptnr1_label_atom_id'            
24 4 'Structure model' '_struct_conn.ptnr1_label_comp_id'            
25 4 'Structure model' '_struct_conn.ptnr1_label_seq_id'             
26 4 'Structure model' '_struct_conn.ptnr2_auth_asym_id'             
27 4 'Structure model' '_struct_conn.ptnr2_auth_seq_id'              
28 4 'Structure model' '_struct_conn.ptnr2_label_asym_id'            
29 4 'Structure model' '_struct_site.pdbx_auth_asym_id'              
30 4 'Structure model' '_struct_site.pdbx_auth_comp_id'              
31 4 'Structure model' '_struct_site.pdbx_auth_seq_id'               
# 
_pdbx_database_status.status_code                     REL 
_pdbx_database_status.entry_id                        3TVB 
_pdbx_database_status.recvd_initial_deposition_date   2011-09-19 
_pdbx_database_status.deposit_site                    RCSB 
_pdbx_database_status.process_site                    RCSB 
_pdbx_database_status.status_code_sf                  REL 
_pdbx_database_status.status_code_mr                  ? 
_pdbx_database_status.SG_entry                        ? 
_pdbx_database_status.status_code_cs                  ? 
_pdbx_database_status.methods_development_category    ? 
_pdbx_database_status.pdb_format_compatible           Y 
_pdbx_database_status.status_code_nmr_data            ? 
# 
loop_
_audit_author.name 
_audit_author.pdbx_ordinal 
'Clark, G.R.'  1 
'Pytel, P.D.'  2 
'Squire, C.J.' 3 
# 
_citation.id                        primary 
_citation.title                     
'The high-resolution crystal structure of a parallel intermolecular DNA G-4 quadruplex/drug complex employing syn glycosyl linkages.' 
_citation.journal_abbrev            'Nucleic Acids Res.' 
_citation.journal_volume            40 
_citation.page_first                5731 
_citation.page_last                 5738 
_citation.year                      2012 
_citation.journal_id_ASTM           NARHAD 
_citation.country                   UK 
_citation.journal_id_ISSN           0305-1048 
_citation.journal_id_CSD            0389 
_citation.book_publisher            ? 
_citation.pdbx_database_id_PubMed   22373921 
_citation.pdbx_database_id_DOI      10.1093/nar/gks193 
# 
loop_
_citation_author.citation_id 
_citation_author.name 
_citation_author.ordinal 
_citation_author.identifier_ORCID 
primary 'Clark, G.R.'  1 ? 
primary 'Pytel, P.D.'  2 ? 
primary 'Squire, C.J.' 3 ? 
# 
loop_
_entity.id 
_entity.type 
_entity.src_method 
_entity.pdbx_description 
_entity.formula_weight 
_entity.pdbx_number_of_molecules 
_entity.pdbx_ec 
_entity.pdbx_mutation 
_entity.pdbx_fragment 
_entity.details 
1 polymer     syn 
;DNA (5'-D(*GP*GP*GP*G)-3')
;
1271.866 2   ? ? ? ? 
2 non-polymer syn DAUNOMYCIN                   527.520  4   ? ? ? ? 
3 non-polymer syn 'SODIUM ION'                 22.990   8   ? ? ? ? 
4 non-polymer syn 'MAGNESIUM ION'              24.305   2   ? ? ? ? 
5 water       nat water                        18.015   110 ? ? ? ? 
# 
_entity_poly.entity_id                      1 
_entity_poly.type                           polydeoxyribonucleotide 
_entity_poly.nstd_linkage                   no 
_entity_poly.nstd_monomer                   no 
_entity_poly.pdbx_seq_one_letter_code       '(DG)(DG)(DG)(DG)' 
_entity_poly.pdbx_seq_one_letter_code_can   GGGG 
_entity_poly.pdbx_strand_id                 A,B 
_entity_poly.pdbx_target_identifier         ? 
# 
loop_
_pdbx_entity_nonpoly.entity_id 
_pdbx_entity_nonpoly.name 
_pdbx_entity_nonpoly.comp_id 
2 DAUNOMYCIN      DM1 
3 'SODIUM ION'    NA  
4 'MAGNESIUM ION' MG  
5 water           HOH 
# 
loop_
_entity_poly_seq.entity_id 
_entity_poly_seq.num 
_entity_poly_seq.mon_id 
_entity_poly_seq.hetero 
1 1 DG n 
1 2 DG n 
1 3 DG n 
1 4 DG n 
# 
_pdbx_entity_src_syn.entity_id              1 
_pdbx_entity_src_syn.pdbx_src_id            1 
_pdbx_entity_src_syn.pdbx_alt_source_flag   sample 
_pdbx_entity_src_syn.pdbx_beg_seq_num       ? 
_pdbx_entity_src_syn.pdbx_end_seq_num       ? 
_pdbx_entity_src_syn.organism_scientific    ? 
_pdbx_entity_src_syn.organism_common_name   ? 
_pdbx_entity_src_syn.ncbi_taxonomy_id       ? 
_pdbx_entity_src_syn.details                'Synthetic oligomer' 
# 
loop_
_chem_comp.id 
_chem_comp.type 
_chem_comp.mon_nstd_flag 
_chem_comp.name 
_chem_comp.pdbx_synonyms 
_chem_comp.formula 
_chem_comp.formula_weight 
DG  'DNA linking' y "2'-DEOXYGUANOSINE-5'-MONOPHOSPHATE" ?            'C10 H14 N5 O7 P' 347.221 
DM1 non-polymer   . DAUNOMYCIN                           DAUNORUBICIN 'C27 H29 N O10'   527.520 
HOH non-polymer   . WATER                                ?            'H2 O'            18.015  
MG  non-polymer   . 'MAGNESIUM ION'                      ?            'Mg 2'            24.305  
NA  non-polymer   . 'SODIUM ION'                         ?            'Na 1'            22.990  
# 
loop_
_pdbx_poly_seq_scheme.asym_id 
_pdbx_poly_seq_scheme.entity_id 
_pdbx_poly_seq_scheme.seq_id 
_pdbx_poly_seq_scheme.mon_id 
_pdbx_poly_seq_scheme.ndb_seq_num 
_pdbx_poly_seq_scheme.pdb_seq_num 
_pdbx_poly_seq_scheme.auth_seq_num 
_pdbx_poly_seq_scheme.pdb_mon_id 
_pdbx_poly_seq_scheme.auth_mon_id 
_pdbx_poly_seq_scheme.pdb_strand_id 
_pdbx_poly_seq_scheme.pdb_ins_code 
_pdbx_poly_seq_scheme.hetero 
A 1 1 DG 1 1 1 DG DG A . n 
A 1 2 DG 2 2 2 DG DG A . n 
A 1 3 DG 3 3 3 DG DG A . n 
A 1 4 DG 4 4 4 DG DG A . n 
B 1 1 DG 1 5 5 DG DG B . n 
B 1 2 DG 2 6 6 DG DG B . n 
B 1 3 DG 3 7 7 DG DG B . n 
B 1 4 DG 4 8 8 DG DG B . n 
# 
loop_
_pdbx_nonpoly_scheme.asym_id 
_pdbx_nonpoly_scheme.entity_id 
_pdbx_nonpoly_scheme.mon_id 
_pdbx_nonpoly_scheme.ndb_seq_num 
_pdbx_nonpoly_scheme.pdb_seq_num 
_pdbx_nonpoly_scheme.auth_seq_num 
_pdbx_nonpoly_scheme.pdb_mon_id 
_pdbx_nonpoly_scheme.auth_mon_id 
_pdbx_nonpoly_scheme.pdb_strand_id 
_pdbx_nonpoly_scheme.pdb_ins_code 
C 2 DM1 1  9   9   DM1 DM1 A . 
D 2 DM1 1  10  10  DM1 DM1 A . 
E 3 NA  1  13  13  NA  NA  A . 
F 3 NA  1  14  14  NA  NA  A . 
G 3 NA  1  15  15  NA  NA  A . 
H 2 DM1 1  11  11  DM1 DM1 B . 
I 2 DM1 1  12  12  DM1 DM1 B . 
J 3 NA  1  16  16  NA  NA  B . 
K 3 NA  1  17  17  NA  NA  B . 
L 3 NA  1  18  18  NA  NA  B . 
M 3 NA  1  19  19  NA  NA  B . 
N 3 NA  1  20  20  NA  NA  B . 
O 4 MG  1  21  21  MG  MG  B . 
P 4 MG  1  22  22  MG  MG  B . 
Q 5 HOH 1  101 101 HOH HOH A . 
Q 5 HOH 2  103 103 HOH HOH A . 
Q 5 HOH 3  107 107 HOH HOH A . 
Q 5 HOH 4  108 108 HOH HOH A . 
Q 5 HOH 5  115 115 HOH HOH A . 
Q 5 HOH 6  116 116 HOH HOH A . 
Q 5 HOH 7  120 120 HOH HOH A . 
Q 5 HOH 8  122 122 HOH HOH A . 
Q 5 HOH 9  123 123 HOH HOH A . 
Q 5 HOH 10 124 124 HOH HOH A . 
Q 5 HOH 11 127 127 HOH HOH A . 
Q 5 HOH 12 128 128 HOH HOH A . 
Q 5 HOH 13 129 129 HOH HOH A . 
Q 5 HOH 14 130 130 HOH HOH A . 
Q 5 HOH 15 133 133 HOH HOH A . 
Q 5 HOH 16 135 135 HOH HOH A . 
Q 5 HOH 17 137 137 HOH HOH A . 
Q 5 HOH 18 138 138 HOH HOH A . 
Q 5 HOH 19 139 139 HOH HOH A . 
Q 5 HOH 20 146 146 HOH HOH A . 
Q 5 HOH 21 148 148 HOH HOH A . 
Q 5 HOH 22 149 149 HOH HOH A . 
Q 5 HOH 23 151 151 HOH HOH A . 
Q 5 HOH 24 152 152 HOH HOH A . 
Q 5 HOH 25 153 153 HOH HOH A . 
Q 5 HOH 26 155 155 HOH HOH A . 
Q 5 HOH 27 156 156 HOH HOH A . 
Q 5 HOH 28 158 158 HOH HOH A . 
Q 5 HOH 29 164 164 HOH HOH A . 
Q 5 HOH 30 168 168 HOH HOH A . 
Q 5 HOH 31 169 169 HOH HOH A . 
Q 5 HOH 32 173 173 HOH HOH A . 
Q 5 HOH 33 175 175 HOH HOH A . 
Q 5 HOH 34 179 179 HOH HOH A . 
Q 5 HOH 35 183 183 HOH HOH A . 
Q 5 HOH 36 184 184 HOH HOH A . 
Q 5 HOH 37 186 186 HOH HOH A . 
Q 5 HOH 38 187 187 HOH HOH A . 
Q 5 HOH 39 190 190 HOH HOH A . 
Q 5 HOH 40 192 192 HOH HOH A . 
Q 5 HOH 41 195 195 HOH HOH A . 
Q 5 HOH 42 200 200 HOH HOH A . 
Q 5 HOH 43 201 201 HOH HOH A . 
Q 5 HOH 44 202 202 HOH HOH A . 
Q 5 HOH 45 207 207 HOH HOH A . 
Q 5 HOH 46 208 208 HOH HOH A . 
Q 5 HOH 47 209 209 HOH HOH A . 
Q 5 HOH 48 210 210 HOH HOH A . 
Q 5 HOH 49 211 211 HOH HOH A . 
Q 5 HOH 50 212 212 HOH HOH A . 
R 5 HOH 1  102 102 HOH HOH B . 
R 5 HOH 2  106 106 HOH HOH B . 
R 5 HOH 3  109 109 HOH HOH B . 
R 5 HOH 4  110 110 HOH HOH B . 
R 5 HOH 5  111 111 HOH HOH B . 
R 5 HOH 6  112 112 HOH HOH B . 
R 5 HOH 7  113 113 HOH HOH B . 
R 5 HOH 8  114 114 HOH HOH B . 
R 5 HOH 9  117 117 HOH HOH B . 
R 5 HOH 10 118 118 HOH HOH B . 
R 5 HOH 11 119 119 HOH HOH B . 
R 5 HOH 12 121 121 HOH HOH B . 
R 5 HOH 13 125 125 HOH HOH B . 
R 5 HOH 14 126 126 HOH HOH B . 
R 5 HOH 15 131 131 HOH HOH B . 
R 5 HOH 16 132 132 HOH HOH B . 
R 5 HOH 17 134 134 HOH HOH B . 
R 5 HOH 18 136 136 HOH HOH B . 
R 5 HOH 19 140 140 HOH HOH B . 
R 5 HOH 20 141 141 HOH HOH B . 
R 5 HOH 21 142 142 HOH HOH B . 
R 5 HOH 22 143 143 HOH HOH B . 
R 5 HOH 23 144 144 HOH HOH B . 
R 5 HOH 24 145 145 HOH HOH B . 
R 5 HOH 25 147 147 HOH HOH B . 
R 5 HOH 26 150 150 HOH HOH B . 
R 5 HOH 27 154 154 HOH HOH B . 
R 5 HOH 28 157 157 HOH HOH B . 
R 5 HOH 29 159 159 HOH HOH B . 
R 5 HOH 30 160 160 HOH HOH B . 
R 5 HOH 31 161 161 HOH HOH B . 
R 5 HOH 32 162 162 HOH HOH B . 
R 5 HOH 33 163 163 HOH HOH B . 
R 5 HOH 34 165 165 HOH HOH B . 
R 5 HOH 35 166 166 HOH HOH B . 
R 5 HOH 36 167 167 HOH HOH B . 
R 5 HOH 37 170 170 HOH HOH B . 
R 5 HOH 38 171 171 HOH HOH B . 
R 5 HOH 39 172 172 HOH HOH B . 
R 5 HOH 40 174 174 HOH HOH B . 
R 5 HOH 41 176 176 HOH HOH B . 
R 5 HOH 42 177 177 HOH HOH B . 
R 5 HOH 43 178 178 HOH HOH B . 
R 5 HOH 44 180 180 HOH HOH B . 
R 5 HOH 45 181 181 HOH HOH B . 
R 5 HOH 46 182 182 HOH HOH B . 
R 5 HOH 47 185 185 HOH HOH B . 
R 5 HOH 48 188 188 HOH HOH B . 
R 5 HOH 49 189 189 HOH HOH B . 
R 5 HOH 50 191 191 HOH HOH B . 
R 5 HOH 51 193 193 HOH HOH B . 
R 5 HOH 52 194 194 HOH HOH B . 
R 5 HOH 53 196 196 HOH HOH B . 
R 5 HOH 54 197 197 HOH HOH B . 
R 5 HOH 55 198 198 HOH HOH B . 
R 5 HOH 56 199 199 HOH HOH B . 
R 5 HOH 57 203 203 HOH HOH B . 
R 5 HOH 58 204 204 HOH HOH B . 
R 5 HOH 59 205 205 HOH HOH B . 
R 5 HOH 60 206 206 HOH HOH B . 
# 
loop_
_software.name 
_software.classification 
_software.version 
_software.citation_id 
_software.pdbx_ordinal 
SHELX     'model building' . ? 1 
SHELXL-97 refinement       . ? 2 
DENZO     'data reduction' . ? 3 
SCALEPACK 'data scaling'   . ? 4 
SHELX     phasing          . ? 5 
# 
_cell.entry_id           3TVB 
_cell.length_a           40.209 
_cell.length_b           40.209 
_cell.length_c           49.831 
_cell.angle_alpha        90.00 
_cell.angle_beta         90.00 
_cell.angle_gamma        90.00 
_cell.Z_PDB              16 
_cell.pdbx_unique_axis   ? 
_cell.length_a_esd       ? 
_cell.length_b_esd       ? 
_cell.length_c_esd       ? 
_cell.angle_alpha_esd    ? 
_cell.angle_beta_esd     ? 
_cell.angle_gamma_esd    ? 
# 
_symmetry.entry_id                         3TVB 
_symmetry.space_group_name_H-M             'I 4' 
_symmetry.pdbx_full_space_group_name_H-M   ? 
_symmetry.cell_setting                     ? 
_symmetry.Int_Tables_number                79 
_symmetry.space_group_name_Hall            ? 
# 
_exptl.entry_id          3TVB 
_exptl.method            'X-RAY DIFFRACTION' 
_exptl.crystals_number   1 
# 
_exptl_crystal.id                    1 
_exptl_crystal.density_meas          ? 
_exptl_crystal.density_Matthews      3.96 
_exptl_crystal.density_percent_sol   68.93 
_exptl_crystal.description           ? 
_exptl_crystal.F_000                 ? 
_exptl_crystal.preparation           ? 
# 
_exptl_crystal_grow.crystal_id      1 
_exptl_crystal_grow.method          'Sitting drop' 
_exptl_crystal_grow.temp            277 
_exptl_crystal_grow.temp_details    ? 
_exptl_crystal_grow.pH              7.0 
_exptl_crystal_grow.pdbx_details    
;NATRIX NR46 droplets  
0.005 M Magnesium sulfate, 0.05 M Tris HCl buffer at pH 8.5, 35% w/v 1,6-hexane diol, Sitting drop, temperature 277K
;
_exptl_crystal_grow.pdbx_pH_range   ? 
# 
_diffrn.id                     1 
_diffrn.ambient_temp           100 
_diffrn.ambient_temp_details   ? 
_diffrn.crystal_id             1 
# 
_diffrn_detector.diffrn_id              1 
_diffrn_detector.detector               CCD 
_diffrn_detector.type                   'ADSC QUANTUM 315' 
_diffrn_detector.pdbx_collection_date   2004-07-10 
_diffrn_detector.details                ? 
# 
_diffrn_radiation.diffrn_id                        1 
_diffrn_radiation.wavelength_id                    1 
_diffrn_radiation.pdbx_monochromatic_or_laue_m_l   M 
_diffrn_radiation.monochromator                    ? 
_diffrn_radiation.pdbx_diffrn_protocol             'SINGLE WAVELENGTH' 
_diffrn_radiation.pdbx_scattering_type             x-ray 
# 
_diffrn_radiation_wavelength.id           1 
_diffrn_radiation_wavelength.wavelength   1.006 
_diffrn_radiation_wavelength.wt           1.0 
# 
_diffrn_source.diffrn_id                   1 
_diffrn_source.source                      SYNCHROTRON 
_diffrn_source.type                        'SSRL BEAMLINE BL9-1' 
_diffrn_source.pdbx_synchrotron_site       SSRL 
_diffrn_source.pdbx_synchrotron_beamline   BL9-1 
_diffrn_source.pdbx_wavelength             ? 
_diffrn_source.pdbx_wavelength_list        1.006 
# 
_reflns.entry_id                     3TVB 
_reflns.observed_criterion_sigma_I   ? 
_reflns.observed_criterion_sigma_F   2.0 
_reflns.d_resolution_low             10.0 
_reflns.d_resolution_high            1.08 
_reflns.number_obs                   21428 
_reflns.number_all                   21428 
_reflns.percent_possible_obs         99.7 
_reflns.pdbx_Rmerge_I_obs            0.072 
_reflns.pdbx_Rsym_value              ? 
_reflns.pdbx_netI_over_sigmaI        81.79 
_reflns.B_iso_Wilson_estimate        ? 
_reflns.pdbx_redundancy              66.9 
_reflns.R_free_details               ? 
_reflns.limit_h_max                  ? 
_reflns.limit_h_min                  ? 
_reflns.limit_k_max                  ? 
_reflns.limit_k_min                  ? 
_reflns.limit_l_max                  ? 
_reflns.limit_l_min                  ? 
_reflns.observed_criterion_F_max     ? 
_reflns.observed_criterion_F_min     ? 
_reflns.pdbx_chi_squared             ? 
_reflns.pdbx_scaling_rejects         ? 
_reflns.pdbx_ordinal                 1 
_reflns.pdbx_diffrn_id               1 
# 
_reflns_shell.d_res_high             1.08 
_reflns_shell.d_res_low              1.13 
_reflns_shell.percent_possible_all   99.2 
_reflns_shell.Rmerge_I_obs           0.273 
_reflns_shell.pdbx_Rsym_value        ? 
_reflns_shell.meanI_over_sigI_obs    15.14 
_reflns_shell.pdbx_redundancy        ? 
_reflns_shell.percent_possible_obs   ? 
_reflns_shell.number_unique_all      ? 
_reflns_shell.number_measured_all    ? 
_reflns_shell.number_measured_obs    ? 
_reflns_shell.number_unique_obs      ? 
_reflns_shell.pdbx_chi_squared       ? 
_reflns_shell.pdbx_ordinal           1 
_reflns_shell.pdbx_diffrn_id         1 
# 
_refine.entry_id                                 3TVB 
_refine.ls_number_reflns_obs                     14501 
_refine.ls_number_reflns_all                     15269 
_refine.pdbx_ls_sigma_I                          ? 
_refine.pdbx_ls_sigma_F                          4.0 
_refine.pdbx_data_cutoff_high_absF               ? 
_refine.pdbx_data_cutoff_low_absF                ? 
_refine.pdbx_data_cutoff_high_rms_absF           ? 
_refine.ls_d_res_low                             10.00 
_refine.ls_d_res_high                            1.08 
_refine.ls_percent_reflns_obs                    89.8 
_refine.ls_R_factor_obs                          0.1618 
_refine.ls_R_factor_all                          0.1640 
_refine.ls_R_factor_R_work                       0.1591 
_refine.ls_R_factor_R_free                       0.2023 
_refine.ls_R_factor_R_free_error                 ? 
_refine.ls_R_factor_R_free_error_details         ? 
_refine.ls_percent_reflns_R_free                 11.0 
_refine.ls_number_reflns_R_free                  1677 
_refine.ls_number_parameters                     2579 
_refine.ls_number_restraints                     2250 
_refine.occupancy_min                            ? 
_refine.occupancy_max                            ? 
_refine.correlation_coeff_Fo_to_Fc               ? 
_refine.correlation_coeff_Fo_to_Fc_free          ? 
_refine.B_iso_mean                               ? 
_refine.aniso_B[1][1]                            ? 
_refine.aniso_B[2][2]                            ? 
_refine.aniso_B[3][3]                            ? 
_refine.aniso_B[1][2]                            ? 
_refine.aniso_B[1][3]                            ? 
_refine.aniso_B[2][3]                            ? 
_refine.solvent_model_details                    ? 
_refine.solvent_model_param_ksol                 ? 
_refine.solvent_model_param_bsol                 ? 
_refine.pdbx_solvent_vdw_probe_radii             ? 
_refine.pdbx_solvent_ion_probe_radii             ? 
_refine.pdbx_solvent_shrinkage_radii             ? 
_refine.pdbx_ls_cross_valid_method               'FREE R' 
_refine.details                                  ? 
_refine.pdbx_starting_model                      NONE 
_refine.pdbx_method_to_determine_struct          'AB INITIO' 
_refine.pdbx_isotropic_thermal_model             ? 
_refine.pdbx_stereochemistry_target_values       'ENGH AND HUBER' 
_refine.pdbx_stereochem_target_val_spec_case     ? 
_refine.pdbx_R_Free_selection_details            RANDOM 
_refine.pdbx_overall_ESU_R_Free                  ? 
_refine.overall_SU_ML                            ? 
_refine.pdbx_overall_phase_error                 ? 
_refine.overall_SU_B                             ? 
_refine.overall_SU_R_Cruickshank_DPI             ? 
_refine.ls_redundancy_reflns_obs                 ? 
_refine.B_iso_min                                ? 
_refine.B_iso_max                                ? 
_refine.overall_SU_R_free                        ? 
_refine.ls_wR_factor_R_free                      ? 
_refine.ls_wR_factor_R_work                      ? 
_refine.overall_FOM_free_R_set                   ? 
_refine.overall_FOM_work_R_set                   ? 
_refine.pdbx_diffrn_id                           1 
_refine.pdbx_refine_id                           'X-RAY DIFFRACTION' 
_refine.pdbx_overall_ESU_R                       ? 
_refine.pdbx_TLS_residual_ADP_flag               ? 
_refine.pdbx_overall_SU_R_free_Cruickshank_DPI   ? 
_refine.pdbx_overall_SU_R_Blow_DPI               ? 
_refine.pdbx_overall_SU_R_free_Blow_DPI          ? 
# 
_refine_analyze.entry_id                        3TVB 
_refine_analyze.Luzzati_coordinate_error_obs    ? 
_refine_analyze.Luzzati_sigma_a_obs             ? 
_refine_analyze.Luzzati_d_res_low_obs           ? 
_refine_analyze.Luzzati_coordinate_error_free   ? 
_refine_analyze.Luzzati_sigma_a_free            ? 
_refine_analyze.Luzzati_d_res_low_free          ? 
_refine_analyze.number_disordered_residues      0 
_refine_analyze.occupancy_sum_hydrogen          0.00 
_refine_analyze.occupancy_sum_non_hydrogen      430.19 
_refine_analyze.pdbx_Luzzati_d_res_high_obs     ? 
_refine_analyze.pdbx_refine_id                  'X-RAY DIFFRACTION' 
# 
_refine_hist.pdbx_refine_id                   'X-RAY DIFFRACTION' 
_refine_hist.cycle_id                         LAST 
_refine_hist.pdbx_number_atoms_protein        0 
_refine_hist.pdbx_number_atoms_nucleic_acid   170 
_refine_hist.pdbx_number_atoms_ligand         162 
_refine_hist.number_atoms_solvent             110 
_refine_hist.number_atoms_total               442 
_refine_hist.d_res_high                       1.08 
_refine_hist.d_res_low                        10.00 
# 
loop_
_refine_ls_restr.type 
_refine_ls_restr.dev_ideal 
_refine_ls_restr.dev_ideal_target 
_refine_ls_restr.weight 
_refine_ls_restr.number 
_refine_ls_restr.pdbx_restraint_function 
_refine_ls_restr.pdbx_refine_id 
s_bond_d               0.014 ? ? ? ? 'X-RAY DIFFRACTION' 
s_angle_d              0.024 ? ? ? ? 'X-RAY DIFFRACTION' 
s_similar_dist         0.000 ? ? ? ? 'X-RAY DIFFRACTION' 
s_from_restr_planes    0.000 ? ? ? ? 'X-RAY DIFFRACTION' 
s_zero_chiral_vol      0.000 ? ? ? ? 'X-RAY DIFFRACTION' 
s_non_zero_chiral_vol  0.000 ? ? ? ? 'X-RAY DIFFRACTION' 
s_anti_bump_dis_restr  0.072 ? ? ? ? 'X-RAY DIFFRACTION' 
s_rigid_bond_adp_cmpnt 0.005 ? ? ? ? 'X-RAY DIFFRACTION' 
s_similar_adp_cmpnt    0.019 ? ? ? ? 'X-RAY DIFFRACTION' 
s_approx_iso_adps      0.000 ? ? ? ? 'X-RAY DIFFRACTION' 
# 
_pdbx_refine.pdbx_refine_id                              'X-RAY DIFFRACTION' 
_pdbx_refine.entry_id                                    3TVB 
_pdbx_refine.R_factor_all_no_cutoff                      0.1640 
_pdbx_refine.R_factor_obs_no_cutoff                      0.1618 
_pdbx_refine.free_R_factor_no_cutoff                     0.2023 
_pdbx_refine.free_R_error_no_cutoff                      ? 
_pdbx_refine.free_R_val_test_set_size_perc_no_cutoff     11.0 
_pdbx_refine.free_R_val_test_set_ct_no_cutoff            1677 
_pdbx_refine.R_factor_all_4sig_cutoff                    0.1614 
_pdbx_refine.R_factor_obs_4sig_cutoff                    0.1591 
_pdbx_refine.free_R_factor_4sig_cutoff                   0.1985 
_pdbx_refine.free_R_val_test_set_size_perc_4sig_cutoff   11.0 
_pdbx_refine.free_R_val_test_set_ct_4sig_cutoff          1598 
_pdbx_refine.number_reflns_obs_4sig_cutoff               14501 
# 
_struct.entry_id                  3TVB 
_struct.title                     'A Highly Symmetric DNA G-4 Quadruplex/drug Complex' 
_struct.pdbx_model_details        ? 
_struct.pdbx_CASP_flag            ? 
_struct.pdbx_model_type_details   ? 
# 
_struct_keywords.entry_id        3TVB 
_struct_keywords.pdbx_keywords   DNA/antibiotic 
_struct_keywords.text            'G-4 Quadruplex, Daunomycin, DNA-Drug Complex, DNA-antibiotic complex' 
# 
loop_
_struct_asym.id 
_struct_asym.pdbx_blank_PDB_chainid_flag 
_struct_asym.pdbx_modified 
_struct_asym.entity_id 
_struct_asym.details 
A N N 1 ? 
B N N 1 ? 
C N N 2 ? 
D N N 2 ? 
E N N 3 ? 
F N N 3 ? 
G N N 3 ? 
H N N 2 ? 
I N N 2 ? 
J N N 3 ? 
K N N 3 ? 
L N N 3 ? 
M N N 3 ? 
N N N 3 ? 
O N N 4 ? 
P N N 4 ? 
Q N N 5 ? 
R N N 5 ? 
# 
_struct_ref.id                         1 
_struct_ref.db_name                    PDB 
_struct_ref.db_code                    3TVB 
_struct_ref.pdbx_db_accession          3TVB 
_struct_ref.entity_id                  1 
_struct_ref.pdbx_align_begin           ? 
_struct_ref.pdbx_seq_one_letter_code   GGGG 
_struct_ref.pdbx_db_isoform            ? 
# 
loop_
_struct_ref_seq.align_id 
_struct_ref_seq.ref_id 
_struct_ref_seq.pdbx_PDB_id_code 
_struct_ref_seq.pdbx_strand_id 
_struct_ref_seq.seq_align_beg 
_struct_ref_seq.pdbx_seq_align_beg_ins_code 
_struct_ref_seq.seq_align_end 
_struct_ref_seq.pdbx_seq_align_end_ins_code 
_struct_ref_seq.pdbx_db_accession 
_struct_ref_seq.db_align_beg 
_struct_ref_seq.pdbx_db_align_beg_ins_code 
_struct_ref_seq.db_align_end 
_struct_ref_seq.pdbx_db_align_end_ins_code 
_struct_ref_seq.pdbx_auth_seq_align_beg 
_struct_ref_seq.pdbx_auth_seq_align_end 
1 1 3TVB A 1 ? 4 ? 3TVB 1 ? 4 ? 1 4 
2 1 3TVB B 1 ? 4 ? 3TVB 5 ? 8 ? 5 8 
# 
_pdbx_struct_assembly.id                   1 
_pdbx_struct_assembly.details              author_and_software_defined_assembly 
_pdbx_struct_assembly.method_details       PISA 
_pdbx_struct_assembly.oligomeric_details   octameric 
_pdbx_struct_assembly.oligomeric_count     8 
# 
loop_
_pdbx_struct_assembly_prop.biol_id 
_pdbx_struct_assembly_prop.type 
_pdbx_struct_assembly_prop.value 
_pdbx_struct_assembly_prop.details 
1 'ABSA (A^2)' 9450  ? 
1 MORE         -265  ? 
1 'SSA (A^2)'  11500 ? 
# 
_pdbx_struct_assembly_gen.assembly_id       1 
_pdbx_struct_assembly_gen.oper_expression   1,2,3,4 
_pdbx_struct_assembly_gen.asym_id_list      A,B,C,D,E,F,G,H,I,J,K,L,M,N,O,P,Q,R 
# 
loop_
_pdbx_struct_oper_list.id 
_pdbx_struct_oper_list.type 
_pdbx_struct_oper_list.name 
_pdbx_struct_oper_list.symmetry_operation 
_pdbx_struct_oper_list.matrix[1][1] 
_pdbx_struct_oper_list.matrix[1][2] 
_pdbx_struct_oper_list.matrix[1][3] 
_pdbx_struct_oper_list.vector[1] 
_pdbx_struct_oper_list.matrix[2][1] 
_pdbx_struct_oper_list.matrix[2][2] 
_pdbx_struct_oper_list.matrix[2][3] 
_pdbx_struct_oper_list.vector[2] 
_pdbx_struct_oper_list.matrix[3][1] 
_pdbx_struct_oper_list.matrix[3][2] 
_pdbx_struct_oper_list.matrix[3][3] 
_pdbx_struct_oper_list.vector[3] 
1 'identity operation'         1_555 x,y,z       1.0000000000  0.0000000000  0.0000000000  0.0000000000   0.0000000000  1.0000000000  0.0000000000  0.0000000000  0.0000000000  0.0000000000  1.0000000000 0.0000000000  
2 'crystal symmetry operation' 2_665 -x+1,-y+1,z -0.4393796052 -0.1490268358 -0.8858535798 -10.9109542351 -0.1490268358 -0.9603849628 0.2354819003  -5.2001053853 -0.8858535798 0.2354819003  0.3997645680 -6.0302834939 
3 'crystal symmetry operation' 3_655 -y+1,x,z    0.2803101974  -0.9111030927 -0.3021876035 -7.2063057579  0.7620762569  0.0198075186  0.6471842402  3.5602897017  -0.5836659763 -0.4117023399 0.6998822840 -5.1595216097 
4 'crystal symmetry operation' 4_565 y,-x+1,z    0.2803101974  0.7620762569  -0.5836659763 -3.7046484772  -0.9111030927 0.0198075186  -0.4117023399 -8.7603950869 -0.3021876035 0.6471842402  0.6998822840 -0.8707618842 
# 
loop_
_struct_conn.id 
_struct_conn.conn_type_id 
_struct_conn.pdbx_leaving_atom_flag 
_struct_conn.pdbx_PDB_id 
_struct_conn.ptnr1_label_asym_id 
_struct_conn.ptnr1_label_comp_id 
_struct_conn.ptnr1_label_seq_id 
_struct_conn.ptnr1_label_atom_id 
_struct_conn.pdbx_ptnr1_label_alt_id 
_struct_conn.pdbx_ptnr1_PDB_ins_code 
_struct_conn.pdbx_ptnr1_standard_comp_id 
_struct_conn.ptnr1_symmetry 
_struct_conn.ptnr2_label_asym_id 
_struct_conn.ptnr2_label_comp_id 
_struct_conn.ptnr2_label_seq_id 
_struct_conn.ptnr2_label_atom_id 
_struct_conn.pdbx_ptnr2_label_alt_id 
_struct_conn.pdbx_ptnr2_PDB_ins_code 
_struct_conn.ptnr1_auth_asym_id 
_struct_conn.ptnr1_auth_comp_id 
_struct_conn.ptnr1_auth_seq_id 
_struct_conn.ptnr2_auth_asym_id 
_struct_conn.ptnr2_auth_comp_id 
_struct_conn.ptnr2_auth_seq_id 
_struct_conn.ptnr2_symmetry 
_struct_conn.pdbx_ptnr3_label_atom_id 
_struct_conn.pdbx_ptnr3_label_seq_id 
_struct_conn.pdbx_ptnr3_label_comp_id 
_struct_conn.pdbx_ptnr3_label_asym_id 
_struct_conn.pdbx_ptnr3_label_alt_id 
_struct_conn.pdbx_ptnr3_PDB_ins_code 
_struct_conn.details 
_struct_conn.pdbx_dist_value 
_struct_conn.pdbx_value_order 
_struct_conn.pdbx_role 
metalc1  metalc ? ? A DG 1 O6 ? ? ? 1_555 E NA  . NA ? ? A DG 1  A NA  13  1_555 ? ? ? ? ? ? ?           2.771 ? ? 
metalc2  metalc ? ? A DG 2 O6 ? ? ? 1_555 E NA  . NA ? ? A DG 2  A NA  13  1_555 ? ? ? ? ? ? ?           2.858 ? ? 
metalc3  metalc ? ? A DG 2 O6 ? ? ? 1_555 F NA  . NA ? ? A DG 2  A NA  14  1_555 ? ? ? ? ? ? ?           2.804 ? ? 
metalc4  metalc ? ? A DG 3 O6 ? ? ? 1_555 F NA  . NA ? ? A DG 3  A NA  14  1_555 ? ? ? ? ? ? ?           2.633 ? ? 
metalc5  metalc ? ? A DG 3 O6 ? ? ? 1_555 G NA  . NA ? ? A DG 3  A NA  15  1_555 ? ? ? ? ? ? ?           3.200 ? ? 
metalc6  metalc ? ? A DG 4 O6 ? ? ? 1_555 G NA  . NA ? ? A DG 4  A NA  15  1_555 ? ? ? ? ? ? ?           2.379 ? ? 
metalc7  metalc ? ? B DG 1 O6 ? ? ? 1_555 J NA  . NA ? ? B DG 5  B NA  16  1_555 ? ? ? ? ? ? ?           2.784 ? ? 
metalc8  metalc ? ? B DG 2 O6 ? ? ? 1_555 J NA  . NA ? ? B DG 6  B NA  16  1_555 ? ? ? ? ? ? ?           2.884 ? ? 
metalc9  metalc ? ? B DG 2 O6 ? ? ? 1_555 K NA  . NA ? ? B DG 6  B NA  17  1_555 ? ? ? ? ? ? ?           2.781 ? ? 
metalc10 metalc ? ? B DG 3 O6 ? ? ? 1_555 K NA  . NA ? ? B DG 7  B NA  17  1_555 ? ? ? ? ? ? ?           2.648 ? ? 
metalc11 metalc ? ? B DG 3 O6 ? ? ? 1_555 L NA  . NA ? ? B DG 7  B NA  18  1_555 ? ? ? ? ? ? ?           3.120 ? ? 
metalc12 metalc ? ? B DG 4 O6 ? ? ? 1_555 L NA  . NA ? ? B DG 8  B NA  18  1_555 ? ? ? ? ? ? ?           2.458 ? ? 
metalc13 metalc ? ? M NA . NA ? ? ? 1_555 R HOH . O  ? ? B NA 19 B HOH 109 1_555 ? ? ? ? ? ? ?           2.441 ? ? 
metalc14 metalc ? ? M NA . NA ? ? ? 1_555 R HOH . O  ? ? B NA 19 B HOH 110 1_555 ? ? ? ? ? ? ?           2.437 ? ? 
metalc15 metalc ? ? O MG . MG ? ? ? 1_555 R HOH . O  ? ? B MG 21 B HOH 111 1_555 ? ? ? ? ? ? ?           1.979 ? ? 
metalc16 metalc ? ? P MG . MG ? ? ? 1_555 R HOH . O  ? ? B MG 22 B HOH 102 1_555 ? ? ? ? ? ? ?           2.148 ? ? 
metalc17 metalc ? ? P MG . MG ? ? ? 1_555 R HOH . O  ? ? B MG 22 B HOH 106 1_555 ? ? ? ? ? ? ?           2.384 ? ? 
hydrog1  hydrog ? ? A DG 1 N1 ? ? ? 1_555 A DG  1 O6 ? ? A DG 1  A DG  1   3_655 ? ? ? ? ? ? TYPE_6_PAIR ?     ? ? 
hydrog2  hydrog ? ? A DG 1 N2 ? ? ? 1_555 A DG  1 N7 ? ? A DG 1  A DG  1   3_655 ? ? ? ? ? ? TYPE_6_PAIR ?     ? ? 
hydrog3  hydrog ? ? A DG 1 N7 ? ? ? 1_555 A DG  1 N2 ? ? A DG 1  A DG  1   4_565 ? ? ? ? ? ? TYPE_6_PAIR ?     ? ? 
hydrog4  hydrog ? ? A DG 1 O6 ? ? ? 1_555 A DG  1 N1 ? ? A DG 1  A DG  1   4_565 ? ? ? ? ? ? TYPE_6_PAIR ?     ? ? 
hydrog5  hydrog ? ? A DG 2 N1 ? ? ? 1_555 A DG  2 O6 ? ? A DG 2  A DG  2   4_565 ? ? ? ? ? ? TYPE_6_PAIR ?     ? ? 
hydrog6  hydrog ? ? A DG 2 N2 ? ? ? 1_555 A DG  2 N7 ? ? A DG 2  A DG  2   4_565 ? ? ? ? ? ? TYPE_6_PAIR ?     ? ? 
hydrog7  hydrog ? ? A DG 2 N7 ? ? ? 1_555 A DG  2 N2 ? ? A DG 2  A DG  2   3_655 ? ? ? ? ? ? TYPE_6_PAIR ?     ? ? 
hydrog8  hydrog ? ? A DG 2 O6 ? ? ? 1_555 A DG  2 N1 ? ? A DG 2  A DG  2   3_655 ? ? ? ? ? ? TYPE_6_PAIR ?     ? ? 
hydrog9  hydrog ? ? A DG 3 N1 ? ? ? 1_555 A DG  3 O6 ? ? A DG 3  A DG  3   4_565 ? ? ? ? ? ? TYPE_6_PAIR ?     ? ? 
hydrog10 hydrog ? ? A DG 3 N2 ? ? ? 1_555 A DG  3 N7 ? ? A DG 3  A DG  3   4_565 ? ? ? ? ? ? TYPE_6_PAIR ?     ? ? 
hydrog11 hydrog ? ? A DG 3 N7 ? ? ? 1_555 A DG  3 N2 ? ? A DG 3  A DG  3   3_655 ? ? ? ? ? ? TYPE_6_PAIR ?     ? ? 
hydrog12 hydrog ? ? A DG 3 O6 ? ? ? 1_555 A DG  3 N1 ? ? A DG 3  A DG  3   3_655 ? ? ? ? ? ? TYPE_6_PAIR ?     ? ? 
hydrog13 hydrog ? ? A DG 4 N1 ? ? ? 1_555 A DG  4 O6 ? ? A DG 4  A DG  4   4_565 ? ? ? ? ? ? TYPE_6_PAIR ?     ? ? 
hydrog14 hydrog ? ? A DG 4 N2 ? ? ? 1_555 A DG  4 N7 ? ? A DG 4  A DG  4   4_565 ? ? ? ? ? ? TYPE_6_PAIR ?     ? ? 
hydrog15 hydrog ? ? A DG 4 N7 ? ? ? 1_555 A DG  4 N2 ? ? A DG 4  A DG  4   3_655 ? ? ? ? ? ? TYPE_6_PAIR ?     ? ? 
hydrog16 hydrog ? ? A DG 4 O6 ? ? ? 1_555 A DG  4 N1 ? ? A DG 4  A DG  4   3_655 ? ? ? ? ? ? TYPE_6_PAIR ?     ? ? 
hydrog17 hydrog ? ? B DG 1 N1 ? ? ? 1_555 B DG  1 O6 ? ? B DG 5  B DG  5   4_565 ? ? ? ? ? ? TYPE_6_PAIR ?     ? ? 
hydrog18 hydrog ? ? B DG 1 N2 ? ? ? 1_555 B DG  1 N7 ? ? B DG 5  B DG  5   4_565 ? ? ? ? ? ? TYPE_6_PAIR ?     ? ? 
hydrog19 hydrog ? ? B DG 1 N7 ? ? ? 1_555 B DG  1 N2 ? ? B DG 5  B DG  5   3_655 ? ? ? ? ? ? TYPE_6_PAIR ?     ? ? 
hydrog20 hydrog ? ? B DG 1 O6 ? ? ? 1_555 B DG  1 N1 ? ? B DG 5  B DG  5   3_655 ? ? ? ? ? ? TYPE_6_PAIR ?     ? ? 
hydrog21 hydrog ? ? B DG 2 N1 ? ? ? 1_555 B DG  2 O6 ? ? B DG 6  B DG  6   3_655 ? ? ? ? ? ? TYPE_6_PAIR ?     ? ? 
hydrog22 hydrog ? ? B DG 2 N2 ? ? ? 1_555 B DG  2 N7 ? ? B DG 6  B DG  6   3_655 ? ? ? ? ? ? TYPE_6_PAIR ?     ? ? 
hydrog23 hydrog ? ? B DG 2 N7 ? ? ? 1_555 B DG  2 N2 ? ? B DG 6  B DG  6   4_565 ? ? ? ? ? ? TYPE_6_PAIR ?     ? ? 
hydrog24 hydrog ? ? B DG 2 O6 ? ? ? 1_555 B DG  2 N1 ? ? B DG 6  B DG  6   4_565 ? ? ? ? ? ? TYPE_6_PAIR ?     ? ? 
hydrog25 hydrog ? ? B DG 3 N1 ? ? ? 1_555 B DG  3 O6 ? ? B DG 7  B DG  7   3_655 ? ? ? ? ? ? TYPE_6_PAIR ?     ? ? 
hydrog26 hydrog ? ? B DG 3 N2 ? ? ? 1_555 B DG  3 N7 ? ? B DG 7  B DG  7   3_655 ? ? ? ? ? ? TYPE_6_PAIR ?     ? ? 
hydrog27 hydrog ? ? B DG 3 N7 ? ? ? 1_555 B DG  3 N2 ? ? B DG 7  B DG  7   4_565 ? ? ? ? ? ? TYPE_6_PAIR ?     ? ? 
hydrog28 hydrog ? ? B DG 3 O6 ? ? ? 1_555 B DG  3 N1 ? ? B DG 7  B DG  7   4_565 ? ? ? ? ? ? TYPE_6_PAIR ?     ? ? 
hydrog29 hydrog ? ? B DG 4 N1 ? ? ? 1_555 B DG  4 O6 ? ? B DG 8  B DG  8   3_655 ? ? ? ? ? ? TYPE_6_PAIR ?     ? ? 
hydrog30 hydrog ? ? B DG 4 N2 ? ? ? 1_555 B DG  4 N7 ? ? B DG 8  B DG  8   3_655 ? ? ? ? ? ? TYPE_6_PAIR ?     ? ? 
hydrog31 hydrog ? ? B DG 4 N7 ? ? ? 1_555 B DG  4 N2 ? ? B DG 8  B DG  8   4_565 ? ? ? ? ? ? TYPE_6_PAIR ?     ? ? 
hydrog32 hydrog ? ? B DG 4 O6 ? ? ? 1_555 B DG  4 N1 ? ? B DG 8  B DG  8   4_565 ? ? ? ? ? ? TYPE_6_PAIR ?     ? ? 
# 
loop_
_struct_conn_type.id 
_struct_conn_type.criteria 
_struct_conn_type.reference 
metalc ? ? 
hydrog ? ? 
# 
loop_
_pdbx_struct_conn_angle.id 
_pdbx_struct_conn_angle.ptnr1_label_atom_id 
_pdbx_struct_conn_angle.ptnr1_label_alt_id 
_pdbx_struct_conn_angle.ptnr1_label_asym_id 
_pdbx_struct_conn_angle.ptnr1_label_comp_id 
_pdbx_struct_conn_angle.ptnr1_label_seq_id 
_pdbx_struct_conn_angle.ptnr1_auth_atom_id 
_pdbx_struct_conn_angle.ptnr1_auth_asym_id 
_pdbx_struct_conn_angle.ptnr1_auth_comp_id 
_pdbx_struct_conn_angle.ptnr1_auth_seq_id 
_pdbx_struct_conn_angle.ptnr1_PDB_ins_code 
_pdbx_struct_conn_angle.ptnr1_symmetry 
_pdbx_struct_conn_angle.ptnr2_label_atom_id 
_pdbx_struct_conn_angle.ptnr2_label_alt_id 
_pdbx_struct_conn_angle.ptnr2_label_asym_id 
_pdbx_struct_conn_angle.ptnr2_label_comp_id 
_pdbx_struct_conn_angle.ptnr2_label_seq_id 
_pdbx_struct_conn_angle.ptnr2_auth_atom_id 
_pdbx_struct_conn_angle.ptnr2_auth_asym_id 
_pdbx_struct_conn_angle.ptnr2_auth_comp_id 
_pdbx_struct_conn_angle.ptnr2_auth_seq_id 
_pdbx_struct_conn_angle.ptnr2_PDB_ins_code 
_pdbx_struct_conn_angle.ptnr2_symmetry 
_pdbx_struct_conn_angle.ptnr3_label_atom_id 
_pdbx_struct_conn_angle.ptnr3_label_alt_id 
_pdbx_struct_conn_angle.ptnr3_label_asym_id 
_pdbx_struct_conn_angle.ptnr3_label_comp_id 
_pdbx_struct_conn_angle.ptnr3_label_seq_id 
_pdbx_struct_conn_angle.ptnr3_auth_atom_id 
_pdbx_struct_conn_angle.ptnr3_auth_asym_id 
_pdbx_struct_conn_angle.ptnr3_auth_comp_id 
_pdbx_struct_conn_angle.ptnr3_auth_seq_id 
_pdbx_struct_conn_angle.ptnr3_PDB_ins_code 
_pdbx_struct_conn_angle.ptnr3_symmetry 
_pdbx_struct_conn_angle.value 
_pdbx_struct_conn_angle.value_esd 
1 O6 ? A DG  1 ? A DG  1   ? 1_555 NA ? E NA . ? A NA 13 ? 1_555 O6 ? A DG  2 ? A DG  2   ? 1_555 72.3 ? 
2 O6 ? A DG  2 ? A DG  2   ? 1_555 NA ? F NA . ? A NA 14 ? 1_555 O6 ? A DG  3 ? A DG  3   ? 1_555 75.8 ? 
3 O6 ? A DG  3 ? A DG  3   ? 1_555 NA ? G NA . ? A NA 15 ? 1_555 O6 ? A DG  4 ? A DG  4   ? 1_555 68.1 ? 
4 O6 ? B DG  1 ? B DG  5   ? 1_555 NA ? J NA . ? B NA 16 ? 1_555 O6 ? B DG  2 ? B DG  6   ? 1_555 72.8 ? 
5 O6 ? B DG  2 ? B DG  6   ? 1_555 NA ? K NA . ? B NA 17 ? 1_555 O6 ? B DG  3 ? B DG  7   ? 1_555 75.9 ? 
6 O6 ? B DG  3 ? B DG  7   ? 1_555 NA ? L NA . ? B NA 18 ? 1_555 O6 ? B DG  4 ? B DG  8   ? 1_555 68.9 ? 
7 O  ? R HOH . ? B HOH 109 ? 1_555 NA ? M NA . ? B NA 19 ? 1_555 O  ? R HOH . ? B HOH 110 ? 1_555 44.4 ? 
8 O  ? R HOH . ? B HOH 102 ? 1_555 MG ? P MG . ? B MG 22 ? 1_555 O  ? R HOH . ? B HOH 106 ? 1_555 91.7 ? 
# 
loop_
_struct_site.id 
_struct_site.pdbx_evidence_code 
_struct_site.pdbx_auth_asym_id 
_struct_site.pdbx_auth_comp_id 
_struct_site.pdbx_auth_seq_id 
_struct_site.pdbx_auth_ins_code 
_struct_site.pdbx_num_residues 
_struct_site.details 
AC1 Software A DM1 9  ? 6  'BINDING SITE FOR RESIDUE DM1 A 9'  
AC2 Software A DM1 10 ? 10 'BINDING SITE FOR RESIDUE DM1 A 10' 
AC3 Software A NA  13 ? 3  'BINDING SITE FOR RESIDUE NA A 13'  
AC4 Software A NA  14 ? 4  'BINDING SITE FOR RESIDUE NA A 14'  
AC5 Software A NA  15 ? 3  'BINDING SITE FOR RESIDUE NA A 15'  
AC6 Software B DM1 11 ? 8  'BINDING SITE FOR RESIDUE DM1 B 11' 
AC7 Software B DM1 12 ? 10 'BINDING SITE FOR RESIDUE DM1 B 12' 
AC8 Software B NA  16 ? 4  'BINDING SITE FOR RESIDUE NA B 16'  
AC9 Software B NA  17 ? 4  'BINDING SITE FOR RESIDUE NA B 17'  
BC1 Software B NA  18 ? 3  'BINDING SITE FOR RESIDUE NA B 18'  
BC2 Software B NA  19 ? 2  'BINDING SITE FOR RESIDUE NA B 19'  
BC4 Software B MG  21 ? 1  'BINDING SITE FOR RESIDUE MG B 21'  
BC5 Software B MG  22 ? 4  'BINDING SITE FOR RESIDUE MG B 22'  
1   ?        ? ?   ?  ? ?  ?                                   
# 
loop_
_struct_site_gen.id 
_struct_site_gen.site_id 
_struct_site_gen.pdbx_num_res 
_struct_site_gen.label_comp_id 
_struct_site_gen.label_asym_id 
_struct_site_gen.label_seq_id 
_struct_site_gen.pdbx_auth_ins_code 
_struct_site_gen.auth_comp_id 
_struct_site_gen.auth_asym_id 
_struct_site_gen.auth_seq_id 
_struct_site_gen.label_atom_id 
_struct_site_gen.label_alt_id 
_struct_site_gen.symmetry 
_struct_site_gen.details 
1  AC1 6  DG  A 1 ? DG  A 1   . ? 1_555 ? 
2  AC1 6  DG  A 2 ? DG  A 2   . ? 1_555 ? 
3  AC1 6  DM1 D . ? DM1 A 10  . ? 1_555 ? 
4  AC1 6  HOH Q . ? HOH A 123 . ? 1_555 ? 
5  AC1 6  HOH Q . ? HOH A 149 . ? 1_555 ? 
6  AC1 6  HOH Q . ? HOH A 201 . ? 1_555 ? 
7  AC2 10 DM1 C . ? DM1 A 9   . ? 1_555 ? 
8  AC2 10 HOH Q . ? HOH A 123 . ? 1_555 ? 
9  AC2 10 HOH Q . ? HOH A 127 . ? 1_555 ? 
10 AC2 10 HOH Q . ? HOH A 128 . ? 1_555 ? 
11 AC2 10 HOH Q . ? HOH A 151 . ? 1_555 ? 
12 AC2 10 HOH Q . ? HOH A 179 . ? 1_555 ? 
13 AC2 10 HOH Q . ? HOH A 187 . ? 1_555 ? 
14 AC2 10 HOH Q . ? HOH A 200 . ? 1_555 ? 
15 AC2 10 HOH Q . ? HOH A 201 . ? 1_555 ? 
16 AC2 10 DM1 H . ? DM1 B 11  . ? 1_555 ? 
17 AC3 3  DG  A 1 ? DG  A 1   . ? 1_555 ? 
18 AC3 3  DG  A 2 ? DG  A 2   . ? 1_555 ? 
19 AC3 3  NA  F . ? NA  A 14  . ? 1_555 ? 
20 AC4 4  DG  A 2 ? DG  A 2   . ? 1_555 ? 
21 AC4 4  DG  A 3 ? DG  A 3   . ? 1_555 ? 
22 AC4 4  NA  E . ? NA  A 13  . ? 1_555 ? 
23 AC4 4  NA  G . ? NA  A 15  . ? 1_555 ? 
24 AC5 3  DG  A 3 ? DG  A 3   . ? 1_555 ? 
25 AC5 3  DG  A 4 ? DG  A 4   . ? 1_555 ? 
26 AC5 3  NA  F . ? NA  A 14  . ? 1_555 ? 
27 AC6 8  DM1 D . ? DM1 A 10  . ? 1_555 ? 
28 AC6 8  DM1 I . ? DM1 B 12  . ? 1_555 ? 
29 AC6 8  HOH R . ? HOH B 113 . ? 1_555 ? 
30 AC6 8  HOH R . ? HOH B 125 . ? 1_555 ? 
31 AC6 8  HOH R . ? HOH B 126 . ? 1_555 ? 
32 AC6 8  HOH R . ? HOH B 132 . ? 1_555 ? 
33 AC6 8  HOH R . ? HOH B 140 . ? 1_555 ? 
34 AC6 8  HOH R . ? HOH B 170 . ? 1_555 ? 
35 AC7 10 DG  B 1 ? DG  B 5   . ? 1_555 ? 
36 AC7 10 DG  B 2 ? DG  B 6   . ? 1_555 ? 
37 AC7 10 DM1 H . ? DM1 B 11  . ? 1_555 ? 
38 AC7 10 HOH R . ? HOH B 102 . ? 1_555 ? 
39 AC7 10 HOH R . ? HOH B 113 . ? 1_555 ? 
40 AC7 10 HOH R . ? HOH B 145 . ? 1_555 ? 
41 AC7 10 HOH R . ? HOH B 150 . ? 1_555 ? 
42 AC7 10 HOH R . ? HOH B 159 . ? 1_555 ? 
43 AC7 10 HOH R . ? HOH B 162 . ? 1_555 ? 
44 AC7 10 HOH R . ? HOH B 198 . ? 1_555 ? 
45 AC8 4  DG  B 1 ? DG  B 5   . ? 1_555 ? 
46 AC8 4  DG  B 2 ? DG  B 6   . ? 1_555 ? 
47 AC8 4  NA  K . ? NA  B 17  . ? 1_555 ? 
48 AC8 4  MG  P . ? MG  B 22  . ? 1_555 ? 
49 AC9 4  DG  B 2 ? DG  B 6   . ? 1_555 ? 
50 AC9 4  DG  B 3 ? DG  B 7   . ? 1_555 ? 
51 AC9 4  NA  J . ? NA  B 16  . ? 1_555 ? 
52 AC9 4  NA  L . ? NA  B 18  . ? 1_555 ? 
53 BC1 3  DG  B 3 ? DG  B 7   . ? 1_555 ? 
54 BC1 3  DG  B 4 ? DG  B 8   . ? 1_555 ? 
55 BC1 3  NA  K . ? NA  B 17  . ? 1_555 ? 
56 BC2 2  HOH R . ? HOH B 109 . ? 1_555 ? 
57 BC2 2  HOH R . ? HOH B 110 . ? 1_555 ? 
58 BC4 1  HOH R . ? HOH B 111 . ? 1_555 ? 
59 BC5 4  DG  B 1 ? DG  B 5   . ? 1_555 ? 
60 BC5 4  NA  J . ? NA  B 16  . ? 1_555 ? 
61 BC5 4  HOH R . ? HOH B 102 . ? 1_555 ? 
62 BC5 4  HOH R . ? HOH B 106 . ? 1_555 ? 
# 
_pdbx_validate_close_contact.id               1 
_pdbx_validate_close_contact.PDB_model_num    1 
_pdbx_validate_close_contact.auth_atom_id_1   O 
_pdbx_validate_close_contact.auth_asym_id_1   B 
_pdbx_validate_close_contact.auth_comp_id_1   HOH 
_pdbx_validate_close_contact.auth_seq_id_1    199 
_pdbx_validate_close_contact.PDB_ins_code_1   ? 
_pdbx_validate_close_contact.label_alt_id_1   ? 
_pdbx_validate_close_contact.auth_atom_id_2   O 
_pdbx_validate_close_contact.auth_asym_id_2   B 
_pdbx_validate_close_contact.auth_comp_id_2   HOH 
_pdbx_validate_close_contact.auth_seq_id_2    203 
_pdbx_validate_close_contact.PDB_ins_code_2   ? 
_pdbx_validate_close_contact.label_alt_id_2   ? 
_pdbx_validate_close_contact.dist             2.17 
# 
loop_
_pdbx_validate_rmsd_bond.id 
_pdbx_validate_rmsd_bond.PDB_model_num 
_pdbx_validate_rmsd_bond.auth_atom_id_1 
_pdbx_validate_rmsd_bond.auth_asym_id_1 
_pdbx_validate_rmsd_bond.auth_comp_id_1 
_pdbx_validate_rmsd_bond.auth_seq_id_1 
_pdbx_validate_rmsd_bond.PDB_ins_code_1 
_pdbx_validate_rmsd_bond.label_alt_id_1 
_pdbx_validate_rmsd_bond.auth_atom_id_2 
_pdbx_validate_rmsd_bond.auth_asym_id_2 
_pdbx_validate_rmsd_bond.auth_comp_id_2 
_pdbx_validate_rmsd_bond.auth_seq_id_2 
_pdbx_validate_rmsd_bond.PDB_ins_code_2 
_pdbx_validate_rmsd_bond.label_alt_id_2 
_pdbx_validate_rmsd_bond.bond_value 
_pdbx_validate_rmsd_bond.bond_target_value 
_pdbx_validate_rmsd_bond.bond_deviation 
_pdbx_validate_rmsd_bond.bond_standard_deviation 
_pdbx_validate_rmsd_bond.linker_flag 
1  1 N1    A DG 1 ? ? C2    A DG 1 ? ? 1.422 1.373 0.049  0.008 N 
2  1 C4    A DG 1 ? ? C5    A DG 1 ? ? 1.434 1.379 0.055  0.007 N 
3  1 C5    A DG 1 ? ? C6    A DG 1 ? ? 1.343 1.419 -0.076 0.010 N 
4  1 C5    A DG 1 ? ? N7    A DG 1 ? ? 1.347 1.388 -0.041 0.006 N 
5  1 N7    A DG 1 ? ? C8    A DG 1 ? ? 1.395 1.305 0.090  0.006 N 
6  1 N9    A DG 1 ? ? C4    A DG 1 ? ? 1.317 1.375 -0.058 0.008 N 
7  1 "C5'" A DG 2 ? ? "C4'" A DG 2 ? ? 1.574 1.512 0.062  0.007 N 
8  1 N1    A DG 2 ? ? C2    A DG 2 ? ? 1.422 1.373 0.049  0.008 N 
9  1 C6    A DG 2 ? ? N1    A DG 2 ? ? 1.346 1.391 -0.045 0.007 N 
10 1 C8    A DG 2 ? ? N9    A DG 2 ? ? 1.319 1.374 -0.055 0.007 N 
11 1 P     A DG 3 ? ? OP2   A DG 3 ? ? 1.367 1.485 -0.118 0.017 N 
12 1 P     A DG 3 ? ? "O5'" A DG 3 ? ? 1.516 1.593 -0.077 0.010 N 
13 1 "C5'" A DG 3 ? ? "C4'" A DG 3 ? ? 1.442 1.509 -0.067 0.011 N 
14 1 "O3'" A DG 3 ? ? "C3'" A DG 3 ? ? 1.594 1.435 0.159  0.013 N 
15 1 N1    A DG 3 ? ? C2    A DG 3 ? ? 1.425 1.373 0.052  0.008 N 
16 1 C5    A DG 3 ? ? C6    A DG 3 ? ? 1.491 1.419 0.072  0.010 N 
17 1 C8    A DG 3 ? ? N9    A DG 3 ? ? 1.420 1.374 0.046  0.007 N 
18 1 P     A DG 4 ? ? OP1   A DG 4 ? ? 1.588 1.485 0.103  0.017 N 
19 1 "C4'" A DG 4 ? ? "C3'" A DG 4 ? ? 1.446 1.521 -0.075 0.010 N 
20 1 "O4'" A DG 4 ? ? "C4'" A DG 4 ? ? 1.515 1.449 0.066  0.009 N 
21 1 N1    A DG 4 ? ? C2    A DG 4 ? ? 1.436 1.373 0.063  0.008 N 
22 1 C6    A DG 4 ? ? N1    A DG 4 ? ? 1.293 1.391 -0.098 0.007 N 
23 1 C8    A DG 4 ? ? N9    A DG 4 ? ? 1.466 1.374 0.092  0.007 N 
24 1 C2    A DG 4 ? ? N2    A DG 4 ? ? 1.271 1.341 -0.070 0.010 N 
25 1 "C5'" B DG 5 ? ? "C4'" B DG 5 ? ? 1.442 1.509 -0.067 0.011 N 
26 1 "C3'" B DG 6 ? ? "C2'" B DG 6 ? ? 1.455 1.516 -0.061 0.008 N 
27 1 C2    B DG 7 ? ? N3    B DG 7 ? ? 1.402 1.323 0.079  0.008 N 
28 1 C5    B DG 7 ? ? N7    B DG 7 ? ? 1.346 1.388 -0.042 0.006 N 
29 1 N7    B DG 7 ? ? C8    B DG 7 ? ? 1.352 1.305 0.047  0.006 N 
30 1 "C5'" B DG 8 ? ? "C4'" B DG 8 ? ? 1.366 1.509 -0.143 0.011 N 
31 1 "C3'" B DG 8 ? ? "C2'" B DG 8 ? ? 1.596 1.518 0.078  0.012 N 
32 1 N3    B DG 8 ? ? C4    B DG 8 ? ? 1.291 1.350 -0.059 0.007 N 
33 1 C4    B DG 8 ? ? C5    B DG 8 ? ? 1.426 1.379 0.047  0.007 N 
34 1 C2    B DG 8 ? ? N2    B DG 8 ? ? 1.232 1.341 -0.109 0.010 N 
# 
loop_
_pdbx_validate_rmsd_angle.id 
_pdbx_validate_rmsd_angle.PDB_model_num 
_pdbx_validate_rmsd_angle.auth_atom_id_1 
_pdbx_validate_rmsd_angle.auth_asym_id_1 
_pdbx_validate_rmsd_angle.auth_comp_id_1 
_pdbx_validate_rmsd_angle.auth_seq_id_1 
_pdbx_validate_rmsd_angle.PDB_ins_code_1 
_pdbx_validate_rmsd_angle.label_alt_id_1 
_pdbx_validate_rmsd_angle.auth_atom_id_2 
_pdbx_validate_rmsd_angle.auth_asym_id_2 
_pdbx_validate_rmsd_angle.auth_comp_id_2 
_pdbx_validate_rmsd_angle.auth_seq_id_2 
_pdbx_validate_rmsd_angle.PDB_ins_code_2 
_pdbx_validate_rmsd_angle.label_alt_id_2 
_pdbx_validate_rmsd_angle.auth_atom_id_3 
_pdbx_validate_rmsd_angle.auth_asym_id_3 
_pdbx_validate_rmsd_angle.auth_comp_id_3 
_pdbx_validate_rmsd_angle.auth_seq_id_3 
_pdbx_validate_rmsd_angle.PDB_ins_code_3 
_pdbx_validate_rmsd_angle.label_alt_id_3 
_pdbx_validate_rmsd_angle.angle_value 
_pdbx_validate_rmsd_angle.angle_target_value 
_pdbx_validate_rmsd_angle.angle_deviation 
_pdbx_validate_rmsd_angle.angle_standard_deviation 
_pdbx_validate_rmsd_angle.linker_flag 
1  1 N1    A DG 1 ? ? C2    A DG 1 ? ? N3    A DG 1 ? ? 119.73 123.90 -4.17  0.60 N 
2  1 C2    A DG 1 ? ? N3    A DG 1 ? ? C4    A DG 1 ? ? 117.12 111.90 5.22   0.50 N 
3  1 N3    A DG 1 ? ? C4    A DG 1 ? ? C5    A DG 1 ? ? 125.03 128.60 -3.57  0.50 N 
4  1 N7    A DG 1 ? ? C8    A DG 1 ? ? N9    A DG 1 ? ? 109.71 113.10 -3.39  0.50 N 
5  1 C8    A DG 1 ? ? N9    A DG 1 ? ? C4    A DG 1 ? ? 110.01 106.40 3.61   0.40 N 
6  1 C4    A DG 2 ? ? C5    A DG 2 ? ? N7    A DG 2 ? ? 113.48 110.80 2.68   0.40 N 
7  1 C5    A DG 2 ? ? N7    A DG 2 ? ? C8    A DG 2 ? ? 100.88 104.30 -3.42  0.50 N 
8  1 N9    A DG 2 ? ? C4    A DG 2 ? ? C5    A DG 2 ? ? 102.82 105.40 -2.58  0.40 N 
9  1 C5    A DG 2 ? ? C6    A DG 2 ? ? O6    A DG 2 ? ? 124.06 128.60 -4.54  0.60 N 
10 1 C2    A DG 3 ? ? N3    A DG 3 ? ? C4    A DG 3 ? ? 115.79 111.90 3.89   0.50 N 
11 1 N7    A DG 3 ? ? C8    A DG 3 ? ? N9    A DG 3 ? ? 108.02 113.10 -5.08  0.50 N 
12 1 C8    A DG 3 ? ? N9    A DG 3 ? ? C4    A DG 3 ? ? 109.42 106.40 3.02   0.40 N 
13 1 "O5'" A DG 4 ? ? "C5'" A DG 4 ? ? "C4'" A DG 4 ? ? 100.49 109.40 -8.91  0.80 N 
14 1 P     A DG 4 ? ? "O5'" A DG 4 ? ? "C5'" A DG 4 ? ? 110.68 120.90 -10.22 1.60 N 
15 1 "C4'" A DG 4 ? ? "C3'" A DG 4 ? ? "C2'" A DG 4 ? ? 110.33 103.10 7.23   0.90 N 
16 1 "C3'" A DG 4 ? ? "C2'" A DG 4 ? ? "C1'" A DG 4 ? ? 95.32  102.40 -7.08  0.80 N 
17 1 N1    A DG 4 ? ? C2    A DG 4 ? ? N3    A DG 4 ? ? 118.73 123.90 -5.17  0.60 N 
18 1 C2    A DG 4 ? ? N3    A DG 4 ? ? C4    A DG 4 ? ? 115.09 111.90 3.19   0.50 N 
19 1 N7    A DG 4 ? ? C8    A DG 4 ? ? N9    A DG 4 ? ? 109.45 113.10 -3.65  0.50 N 
20 1 N3    A DG 4 ? ? C2    A DG 4 ? ? N2    A DG 4 ? ? 124.96 119.90 5.06   0.70 N 
21 1 "C3'" B DG 5 ? ? "C2'" B DG 5 ? ? "C1'" B DG 5 ? ? 96.85  102.40 -5.55  0.80 N 
22 1 N1    B DG 5 ? ? C2    B DG 5 ? ? N3    B DG 5 ? ? 120.27 123.90 -3.63  0.60 N 
23 1 C2    B DG 5 ? ? N3    B DG 5 ? ? C4    B DG 5 ? ? 116.04 111.90 4.14   0.50 N 
24 1 N3    B DG 5 ? ? C2    B DG 5 ? ? N2    B DG 5 ? ? 124.63 119.90 4.73   0.70 N 
25 1 C4    B DG 6 ? ? C5    B DG 6 ? ? N7    B DG 6 ? ? 113.35 110.80 2.55   0.40 N 
26 1 "O5'" B DG 7 ? ? "C5'" B DG 7 ? ? "C4'" B DG 7 ? ? 104.60 109.40 -4.80  0.80 N 
27 1 "C3'" B DG 8 ? ? "C2'" B DG 8 ? ? "C1'" B DG 8 ? ? 97.32  102.40 -5.08  0.80 N 
28 1 "O4'" B DG 8 ? ? "C1'" B DG 8 ? ? N9    B DG 8 ? ? 103.09 108.00 -4.91  0.70 N 
29 1 N1    B DG 8 ? ? C2    B DG 8 ? ? N3    B DG 8 ? ? 117.07 123.90 -6.83  0.60 N 
30 1 C2    B DG 8 ? ? N3    B DG 8 ? ? C4    B DG 8 ? ? 118.43 111.90 6.53   0.50 N 
31 1 C5    B DG 8 ? ? N7    B DG 8 ? ? C8    B DG 8 ? ? 107.43 104.30 3.13   0.50 N 
32 1 C8    B DG 8 ? ? N9    B DG 8 ? ? C4    B DG 8 ? ? 109.20 106.40 2.80   0.40 N 
33 1 N9    B DG 8 ? ? C4    B DG 8 ? ? C5    B DG 8 ? ? 102.58 105.40 -2.82  0.40 N 
34 1 N3    B DG 8 ? ? C4    B DG 8 ? ? N9    B DG 8 ? ? 130.69 126.00 4.69   0.60 N 
# 
_struct_site_keywords.site_id   1 
_struct_site_keywords.text      'OUTSIDE BINDER' 
# 
loop_
_pdbx_struct_special_symmetry.id 
_pdbx_struct_special_symmetry.PDB_model_num 
_pdbx_struct_special_symmetry.auth_asym_id 
_pdbx_struct_special_symmetry.auth_comp_id 
_pdbx_struct_special_symmetry.auth_seq_id 
_pdbx_struct_special_symmetry.PDB_ins_code 
_pdbx_struct_special_symmetry.label_asym_id 
_pdbx_struct_special_symmetry.label_comp_id 
_pdbx_struct_special_symmetry.label_seq_id 
1  1 A NA  13  ? E NA  . 
2  1 A NA  14  ? F NA  . 
3  1 A NA  15  ? G NA  . 
4  1 B NA  16  ? J NA  . 
5  1 B NA  17  ? K NA  . 
6  1 B NA  18  ? L NA  . 
7  1 B NA  19  ? M NA  . 
8  1 B NA  20  ? N NA  . 
9  1 B MG  21  ? O MG  . 
10 1 B MG  22  ? P MG  . 
11 1 A HOH 101 ? Q HOH . 
12 1 A HOH 103 ? Q HOH . 
13 1 B HOH 106 ? R HOH . 
# 
loop_
_pdbx_distant_solvent_atoms.id 
_pdbx_distant_solvent_atoms.PDB_model_num 
_pdbx_distant_solvent_atoms.auth_atom_id 
_pdbx_distant_solvent_atoms.label_alt_id 
_pdbx_distant_solvent_atoms.auth_asym_id 
_pdbx_distant_solvent_atoms.auth_comp_id 
_pdbx_distant_solvent_atoms.auth_seq_id 
_pdbx_distant_solvent_atoms.PDB_ins_code 
_pdbx_distant_solvent_atoms.neighbor_macromolecule_distance 
_pdbx_distant_solvent_atoms.neighbor_ligand_distance 
1 1 O ? B HOH 111 ? 7.01 .    
2 1 O ? B HOH 178 ? .    6.45 
3 1 O ? B HOH 196 ? 6.99 .    
4 1 O ? B HOH 206 ? .    7.29 
# 
loop_
_chem_comp_atom.comp_id 
_chem_comp_atom.atom_id 
_chem_comp_atom.type_symbol 
_chem_comp_atom.pdbx_aromatic_flag 
_chem_comp_atom.pdbx_stereo_config 
_chem_comp_atom.pdbx_ordinal 
DG  OP3    O  N N 1   
DG  P      P  N N 2   
DG  OP1    O  N N 3   
DG  OP2    O  N N 4   
DG  "O5'"  O  N N 5   
DG  "C5'"  C  N N 6   
DG  "C4'"  C  N R 7   
DG  "O4'"  O  N N 8   
DG  "C3'"  C  N S 9   
DG  "O3'"  O  N N 10  
DG  "C2'"  C  N N 11  
DG  "C1'"  C  N R 12  
DG  N9     N  Y N 13  
DG  C8     C  Y N 14  
DG  N7     N  Y N 15  
DG  C5     C  Y N 16  
DG  C6     C  N N 17  
DG  O6     O  N N 18  
DG  N1     N  N N 19  
DG  C2     C  N N 20  
DG  N2     N  N N 21  
DG  N3     N  N N 22  
DG  C4     C  Y N 23  
DG  HOP3   H  N N 24  
DG  HOP2   H  N N 25  
DG  "H5'"  H  N N 26  
DG  "H5''" H  N N 27  
DG  "H4'"  H  N N 28  
DG  "H3'"  H  N N 29  
DG  "HO3'" H  N N 30  
DG  "H2'"  H  N N 31  
DG  "H2''" H  N N 32  
DG  "H1'"  H  N N 33  
DG  H8     H  N N 34  
DG  H1     H  N N 35  
DG  H21    H  N N 36  
DG  H22    H  N N 37  
DM1 C1     C  Y N 38  
DM1 C2     C  Y N 39  
DM1 C3     C  Y N 40  
DM1 C4     C  Y N 41  
DM1 O4     O  N N 42  
DM1 C5     C  Y N 43  
DM1 C6     C  N N 44  
DM1 O6     O  N N 45  
DM1 C7     C  Y N 46  
DM1 C8     C  Y N 47  
DM1 O8     O  N N 48  
DM1 C9     C  Y N 49  
DM1 C10    C  N S 50  
DM1 O10    O  N N 51  
DM1 C11    C  N N 52  
DM1 C12    C  N S 53  
DM1 O12    O  N N 54  
DM1 C13    C  N N 55  
DM1 O13    O  N N 56  
DM1 C14    C  N N 57  
DM1 C15    C  N N 58  
DM1 C16    C  Y N 59  
DM1 C17    C  Y N 60  
DM1 O17    O  N N 61  
DM1 C18    C  Y N 62  
DM1 C19    C  N N 63  
DM1 O19    O  N N 64  
DM1 C20    C  Y N 65  
DM1 C21    C  N N 66  
DM1 "C1'"  C  N R 67  
DM1 "C2'"  C  N N 68  
DM1 "C3'"  C  N S 69  
DM1 "N3'"  N  N N 70  
DM1 "C4'"  C  N S 71  
DM1 "O4'"  O  N N 72  
DM1 "C5'"  C  N S 73  
DM1 "O5'"  O  N N 74  
DM1 "C6'"  C  N N 75  
DM1 H1     H  N N 76  
DM1 H2     H  N N 77  
DM1 H3     H  N N 78  
DM1 HO8    H  N N 79  
DM1 H10    H  N N 80  
DM1 H111   H  N N 81  
DM1 H112   H  N N 82  
DM1 HO12   H  N N 83  
DM1 H141   H  N N 84  
DM1 H142   H  N N 85  
DM1 H143   H  N N 86  
DM1 H151   H  N N 87  
DM1 H152   H  N N 88  
DM1 HO17   H  N N 89  
DM1 H211   H  N N 90  
DM1 H212   H  N N 91  
DM1 H213   H  N N 92  
DM1 "H1'"  H  N N 93  
DM1 "H2'1" H  N N 94  
DM1 "H2'2" H  N N 95  
DM1 "H3'"  H  N N 96  
DM1 "HN'1" H  N N 97  
DM1 "HN'2" H  N N 98  
DM1 "H4'"  H  N N 99  
DM1 "HO4'" H  N N 100 
DM1 "H5'"  H  N N 101 
DM1 "H6'1" H  N N 102 
DM1 "H6'2" H  N N 103 
DM1 "H6'3" H  N N 104 
HOH O      O  N N 105 
HOH H1     H  N N 106 
HOH H2     H  N N 107 
MG  MG     MG N N 108 
NA  NA     NA N N 109 
# 
loop_
_chem_comp_bond.comp_id 
_chem_comp_bond.atom_id_1 
_chem_comp_bond.atom_id_2 
_chem_comp_bond.value_order 
_chem_comp_bond.pdbx_aromatic_flag 
_chem_comp_bond.pdbx_stereo_config 
_chem_comp_bond.pdbx_ordinal 
DG  OP3   P      sing N N 1   
DG  OP3   HOP3   sing N N 2   
DG  P     OP1    doub N N 3   
DG  P     OP2    sing N N 4   
DG  P     "O5'"  sing N N 5   
DG  OP2   HOP2   sing N N 6   
DG  "O5'" "C5'"  sing N N 7   
DG  "C5'" "C4'"  sing N N 8   
DG  "C5'" "H5'"  sing N N 9   
DG  "C5'" "H5''" sing N N 10  
DG  "C4'" "O4'"  sing N N 11  
DG  "C4'" "C3'"  sing N N 12  
DG  "C4'" "H4'"  sing N N 13  
DG  "O4'" "C1'"  sing N N 14  
DG  "C3'" "O3'"  sing N N 15  
DG  "C3'" "C2'"  sing N N 16  
DG  "C3'" "H3'"  sing N N 17  
DG  "O3'" "HO3'" sing N N 18  
DG  "C2'" "C1'"  sing N N 19  
DG  "C2'" "H2'"  sing N N 20  
DG  "C2'" "H2''" sing N N 21  
DG  "C1'" N9     sing N N 22  
DG  "C1'" "H1'"  sing N N 23  
DG  N9    C8     sing Y N 24  
DG  N9    C4     sing Y N 25  
DG  C8    N7     doub Y N 26  
DG  C8    H8     sing N N 27  
DG  N7    C5     sing Y N 28  
DG  C5    C6     sing N N 29  
DG  C5    C4     doub Y N 30  
DG  C6    O6     doub N N 31  
DG  C6    N1     sing N N 32  
DG  N1    C2     sing N N 33  
DG  N1    H1     sing N N 34  
DG  C2    N2     sing N N 35  
DG  C2    N3     doub N N 36  
DG  N2    H21    sing N N 37  
DG  N2    H22    sing N N 38  
DG  N3    C4     sing N N 39  
DM1 C1    C2     doub Y N 40  
DM1 C1    C20    sing Y N 41  
DM1 C1    H1     sing N N 42  
DM1 C2    C3     sing Y N 43  
DM1 C2    H2     sing N N 44  
DM1 C3    C4     doub Y N 45  
DM1 C3    H3     sing N N 46  
DM1 C4    O4     sing N N 47  
DM1 C4    C5     sing Y N 48  
DM1 O4    C21    sing N N 49  
DM1 C5    C6     sing N N 50  
DM1 C5    C20    doub Y N 51  
DM1 C6    O6     doub N N 52  
DM1 C6    C7     sing N N 53  
DM1 C7    C8     doub Y N 54  
DM1 C7    C18    sing Y N 55  
DM1 C8    O8     sing N N 56  
DM1 C8    C9     sing Y N 57  
DM1 O8    HO8    sing N N 58  
DM1 C9    C10    sing N N 59  
DM1 C9    C16    doub Y N 60  
DM1 C10   O10    sing N N 61  
DM1 C10   C11    sing N N 62  
DM1 C10   H10    sing N N 63  
DM1 O10   "C1'"  sing N N 64  
DM1 C11   C12    sing N N 65  
DM1 C11   H111   sing N N 66  
DM1 C11   H112   sing N N 67  
DM1 C12   O12    sing N N 68  
DM1 C12   C13    sing N N 69  
DM1 C12   C15    sing N N 70  
DM1 O12   HO12   sing N N 71  
DM1 C13   O13    doub N N 72  
DM1 C13   C14    sing N N 73  
DM1 C14   H141   sing N N 74  
DM1 C14   H142   sing N N 75  
DM1 C14   H143   sing N N 76  
DM1 C15   C16    sing N N 77  
DM1 C15   H151   sing N N 78  
DM1 C15   H152   sing N N 79  
DM1 C16   C17    sing Y N 80  
DM1 C17   O17    sing N N 81  
DM1 C17   C18    doub Y N 82  
DM1 O17   HO17   sing N N 83  
DM1 C18   C19    sing N N 84  
DM1 C19   O19    doub N N 85  
DM1 C19   C20    sing N N 86  
DM1 C21   H211   sing N N 87  
DM1 C21   H212   sing N N 88  
DM1 C21   H213   sing N N 89  
DM1 "C1'" "C2'"  sing N N 90  
DM1 "C1'" "O5'"  sing N N 91  
DM1 "C1'" "H1'"  sing N N 92  
DM1 "C2'" "C3'"  sing N N 93  
DM1 "C2'" "H2'1" sing N N 94  
DM1 "C2'" "H2'2" sing N N 95  
DM1 "C3'" "N3'"  sing N N 96  
DM1 "C3'" "C4'"  sing N N 97  
DM1 "C3'" "H3'"  sing N N 98  
DM1 "N3'" "HN'1" sing N N 99  
DM1 "N3'" "HN'2" sing N N 100 
DM1 "C4'" "O4'"  sing N N 101 
DM1 "C4'" "C5'"  sing N N 102 
DM1 "C4'" "H4'"  sing N N 103 
DM1 "O4'" "HO4'" sing N N 104 
DM1 "C5'" "O5'"  sing N N 105 
DM1 "C5'" "C6'"  sing N N 106 
DM1 "C5'" "H5'"  sing N N 107 
DM1 "C6'" "H6'1" sing N N 108 
DM1 "C6'" "H6'2" sing N N 109 
DM1 "C6'" "H6'3" sing N N 110 
HOH O     H1     sing N N 111 
HOH O     H2     sing N N 112 
# 
loop_
_ndb_struct_conf_na.entry_id 
_ndb_struct_conf_na.feature 
3TVB 'double helix' 
3TVB 'triple helix' 
# 
loop_
_ndb_struct_na_base_pair.model_number 
_ndb_struct_na_base_pair.i_label_asym_id 
_ndb_struct_na_base_pair.i_label_comp_id 
_ndb_struct_na_base_pair.i_label_seq_id 
_ndb_struct_na_base_pair.i_symmetry 
_ndb_struct_na_base_pair.j_label_asym_id 
_ndb_struct_na_base_pair.j_label_comp_id 
_ndb_struct_na_base_pair.j_label_seq_id 
_ndb_struct_na_base_pair.j_symmetry 
_ndb_struct_na_base_pair.shear 
_ndb_struct_na_base_pair.stretch 
_ndb_struct_na_base_pair.stagger 
_ndb_struct_na_base_pair.buckle 
_ndb_struct_na_base_pair.propeller 
_ndb_struct_na_base_pair.opening 
_ndb_struct_na_base_pair.pair_number 
_ndb_struct_na_base_pair.pair_name 
_ndb_struct_na_base_pair.i_auth_asym_id 
_ndb_struct_na_base_pair.i_auth_seq_id 
_ndb_struct_na_base_pair.i_PDB_ins_code 
_ndb_struct_na_base_pair.j_auth_asym_id 
_ndb_struct_na_base_pair.j_auth_seq_id 
_ndb_struct_na_base_pair.j_PDB_ins_code 
_ndb_struct_na_base_pair.hbond_type_28 
_ndb_struct_na_base_pair.hbond_type_12 
1 A DG 1 1_555 A DG 1 3_655 1.709  3.408  0.092  0.746   2.708   -89.966 1  A_DG1:DG1_A A 1 ? A 1 ? 6 3 
1 A DG 2 1_555 A DG 2 3_655 -1.435 -3.520 0.281  0.637   8.849   89.655  2  A_DG2:DG2_A A 2 ? A 2 ? 6 3 
1 A DG 3 1_555 A DG 3 3_655 -1.561 -3.477 0.049  -4.281  3.527   89.866  3  A_DG3:DG3_A A 3 ? A 3 ? 6 3 
1 A DG 4 1_555 A DG 4 3_655 -1.525 -3.536 0.165  -12.664 10.713  88.782  4  A_DG4:DG4_A A 4 ? A 4 ? 6 3 
1 A DG 1 1_555 A DG 1 4_565 -1.709 -3.408 -0.092 -0.746  -2.708  89.966  5  A_DG1:DG1_A A 1 ? A 1 ? 6 3 
1 A DG 2 1_555 A DG 2 4_565 1.435  3.520  -0.281 -0.637  -8.849  -89.655 6  A_DG2:DG2_A A 2 ? A 2 ? 6 3 
1 A DG 3 1_555 A DG 3 4_565 1.561  3.477  -0.049 4.281   -3.527  -89.866 7  A_DG3:DG3_A A 3 ? A 3 ? 6 3 
1 A DG 4 1_555 A DG 4 4_565 1.525  3.536  -0.165 12.664  -10.713 -88.782 8  A_DG4:DG4_A A 4 ? A 4 ? 6 3 
1 B DG 1 1_555 B DG 1 3_655 -1.666 -3.440 -0.069 -1.036  -1.804  89.981  9  B_DG5:DG5_B B 5 ? B 5 ? 6 3 
1 B DG 2 1_555 B DG 2 3_655 1.450  3.511  -0.259 -1.290  -7.899  -89.720 10 B_DG6:DG6_B B 6 ? B 6 ? 6 3 
1 B DG 3 1_555 B DG 3 3_655 1.479  3.517  -0.038 3.668   -2.795  -89.907 11 B_DG7:DG7_B B 7 ? B 7 ? 6 3 
1 B DG 4 1_555 B DG 4 3_655 1.588  3.471  -0.160 12.354  -10.834 -88.805 12 B_DG8:DG8_B B 8 ? B 8 ? 6 3 
1 B DG 1 1_555 B DG 1 4_565 1.666  3.440  0.069  1.036   1.804   -89.981 13 B_DG5:DG5_B B 5 ? B 5 ? 6 3 
1 B DG 2 1_555 B DG 2 4_565 -1.450 -3.511 0.259  1.290   7.899   89.720  14 B_DG6:DG6_B B 6 ? B 6 ? 6 3 
1 B DG 3 1_555 B DG 3 4_565 -1.479 -3.517 0.038  -3.668  2.795   89.907  15 B_DG7:DG7_B B 7 ? B 7 ? 6 3 
1 B DG 4 1_555 B DG 4 4_565 -1.588 -3.471 0.160  -12.354 10.834  88.805  16 B_DG8:DG8_B B 8 ? B 8 ? 6 3 
# 
loop_
_ndb_struct_na_base_pair_step.model_number 
_ndb_struct_na_base_pair_step.i_label_asym_id_1 
_ndb_struct_na_base_pair_step.i_label_comp_id_1 
_ndb_struct_na_base_pair_step.i_label_seq_id_1 
_ndb_struct_na_base_pair_step.i_symmetry_1 
_ndb_struct_na_base_pair_step.j_label_asym_id_1 
_ndb_struct_na_base_pair_step.j_label_comp_id_1 
_ndb_struct_na_base_pair_step.j_label_seq_id_1 
_ndb_struct_na_base_pair_step.j_symmetry_1 
_ndb_struct_na_base_pair_step.i_label_asym_id_2 
_ndb_struct_na_base_pair_step.i_label_comp_id_2 
_ndb_struct_na_base_pair_step.i_label_seq_id_2 
_ndb_struct_na_base_pair_step.i_symmetry_2 
_ndb_struct_na_base_pair_step.j_label_asym_id_2 
_ndb_struct_na_base_pair_step.j_label_comp_id_2 
_ndb_struct_na_base_pair_step.j_label_seq_id_2 
_ndb_struct_na_base_pair_step.j_symmetry_2 
_ndb_struct_na_base_pair_step.shift 
_ndb_struct_na_base_pair_step.slide 
_ndb_struct_na_base_pair_step.rise 
_ndb_struct_na_base_pair_step.tilt 
_ndb_struct_na_base_pair_step.roll 
_ndb_struct_na_base_pair_step.twist 
_ndb_struct_na_base_pair_step.x_displacement 
_ndb_struct_na_base_pair_step.y_displacement 
_ndb_struct_na_base_pair_step.helical_rise 
_ndb_struct_na_base_pair_step.inclination 
_ndb_struct_na_base_pair_step.tip 
_ndb_struct_na_base_pair_step.helical_twist 
_ndb_struct_na_base_pair_step.step_number 
_ndb_struct_na_base_pair_step.step_name 
_ndb_struct_na_base_pair_step.i_auth_asym_id_1 
_ndb_struct_na_base_pair_step.i_auth_seq_id_1 
_ndb_struct_na_base_pair_step.i_PDB_ins_code_1 
_ndb_struct_na_base_pair_step.j_auth_asym_id_1 
_ndb_struct_na_base_pair_step.j_auth_seq_id_1 
_ndb_struct_na_base_pair_step.j_PDB_ins_code_1 
_ndb_struct_na_base_pair_step.i_auth_asym_id_2 
_ndb_struct_na_base_pair_step.i_auth_seq_id_2 
_ndb_struct_na_base_pair_step.i_PDB_ins_code_2 
_ndb_struct_na_base_pair_step.j_auth_asym_id_2 
_ndb_struct_na_base_pair_step.j_auth_seq_id_2 
_ndb_struct_na_base_pair_step.j_PDB_ins_code_2 
1 A DG 1 1_555 A DG 1 3_655 A DG 2 1_555 A DG 2 3_655 2.212  2.868  1.751 -79.620 156.662 -81.060 -1.785 0.928 -0.043 -78.996 
-40.148 -176.757 1  AA_DG1DG2:DG2DG1_AA A 1 ? A 1 ? A 2 ? A 2 ? 
1 A DG 2 1_555 A DG 2 3_655 A DG 3 1_555 A DG 3 3_655 -0.446 -0.828 3.354 -3.092  4.188   34.366  -2.037 0.266 3.260  7.038   
5.196   34.746   2  AA_DG2DG3:DG3DG2_AA A 2 ? A 2 ? A 3 ? A 3 ? 
1 A DG 3 1_555 A DG 3 3_655 A DG 4 1_555 A DG 4 3_655 -0.570 -0.522 3.078 1.956   5.544   21.882  -3.171 2.100 2.800  14.277  
-5.038  22.649   3  AA_DG3DG4:DG4DG3_AA A 3 ? A 3 ? A 4 ? A 4 ? 
1 A DG 1 1_555 A DG 1 4_565 A DG 2 1_555 A DG 2 4_565 2.212  2.868  1.751 -79.620 156.662 -81.060 -1.785 0.928 -0.043 -78.996 
-40.148 -176.757 4  AA_DG1DG2:DG2DG1_AA A 1 ? A 1 ? A 2 ? A 2 ? 
1 A DG 2 1_555 A DG 2 4_565 A DG 3 1_555 A DG 3 4_565 -0.446 -0.828 3.354 -3.092  4.188   34.366  -2.037 0.266 3.260  7.038   
5.196   34.746   5  AA_DG2DG3:DG3DG2_AA A 2 ? A 2 ? A 3 ? A 3 ? 
1 A DG 3 1_555 A DG 3 4_565 A DG 4 1_555 A DG 4 4_565 -0.570 -0.522 3.078 1.956   5.544   21.882  -3.171 2.100 2.800  14.277  
-5.038  22.649   6  AA_DG3DG4:DG4DG3_AA A 3 ? A 3 ? A 4 ? A 4 ? 
1 B DG 1 1_555 B DG 1 3_655 B DG 2 1_555 B DG 2 3_655 2.261  2.855  1.810 -77.622 157.767 -80.164 -1.800 0.948 -0.030 -79.550 
-39.139 -176.809 7  BB_DG5DG6:DG6DG5_BB B 5 ? B 5 ? B 6 ? B 6 ? 
1 B DG 2 1_555 B DG 2 3_655 B DG 3 1_555 B DG 3 3_655 -0.434 -0.874 3.353 -2.795  3.921   33.462  -2.147 0.287 3.257  6.767   
4.823   33.797   8  BB_DG6DG7:DG7DG6_BB B 6 ? B 6 ? B 7 ? B 7 ? 
1 B DG 3 1_555 B DG 3 3_655 B DG 4 1_555 B DG 4 3_655 -0.525 -0.505 3.067 2.351   5.709   23.376  -2.865 1.938 2.800  13.784  
-5.678  24.167   9  BB_DG7DG8:DG8DG7_BB B 7 ? B 7 ? B 8 ? B 8 ? 
1 B DG 1 1_555 B DG 1 4_565 B DG 2 1_555 B DG 2 4_565 2.261  2.855  1.810 -77.622 157.767 -80.164 -1.800 0.948 -0.030 -79.550 
-39.139 -176.809 10 BB_DG5DG6:DG6DG5_BB B 5 ? B 5 ? B 6 ? B 6 ? 
1 B DG 2 1_555 B DG 2 4_565 B DG 3 1_555 B DG 3 4_565 -0.434 -0.874 3.353 -2.795  3.921   33.462  -2.147 0.287 3.257  6.767   
4.823   33.797   11 BB_DG6DG7:DG7DG6_BB B 6 ? B 6 ? B 7 ? B 7 ? 
1 B DG 3 1_555 B DG 3 4_565 B DG 4 1_555 B DG 4 4_565 -0.525 -0.505 3.067 2.351   5.709   23.376  -2.865 1.938 2.800  13.784  
-5.678  24.167   12 BB_DG7DG8:DG8DG7_BB B 7 ? B 7 ? B 8 ? B 8 ? 
# 
_atom_sites.entry_id                    3TVB 
_atom_sites.fract_transf_matrix[1][1]   0.01705479 
_atom_sites.fract_transf_matrix[1][2]   -0.01267246 
_atom_sites.fract_transf_matrix[1][3]   0.01292516 
_atom_sites.fract_transf_matrix[2][1]   0.01242073 
_atom_sites.fract_transf_matrix[2][2]   0.02111100 
_atom_sites.fract_transf_matrix[2][3]   0.00430907 
_atom_sites.fract_transf_matrix[3][1]   -0.01062487 
_atom_sites.fract_transf_matrix[3][2]   0.00282435 
_atom_sites.fract_transf_matrix[3][3]   0.01678868 
_atom_sites.fract_transf_vector[1]      0.599063 
_atom_sites.fract_transf_vector[2]      0.635642 
_atom_sites.fract_transf_vector[3]      0.524876 
# 
loop_
_atom_type.symbol 
C  
MG 
N  
NA 
O  
P  
# 
loop_
_atom_site.group_PDB 
_atom_site.id 
_atom_site.type_symbol 
_atom_site.label_atom_id 
_atom_site.label_alt_id 
_atom_site.label_comp_id 
_atom_site.label_asym_id 
_atom_site.label_entity_id 
_atom_site.label_seq_id 
_atom_site.pdbx_PDB_ins_code 
_atom_site.Cartn_x 
_atom_site.Cartn_y 
_atom_site.Cartn_z 
_atom_site.occupancy 
_atom_site.B_iso_or_equiv 
_atom_site.pdbx_formal_charge 
_atom_site.auth_seq_id 
_atom_site.auth_comp_id 
_atom_site.auth_asym_id 
_atom_site.auth_atom_id 
_atom_site.pdbx_PDB_model_num 
ATOM   1   O  "O5'" . DG  A 1 1 ? 6.372   -0.904  -6.929  1.00 9.06  ? 1   DG  A "O5'" 1 
ATOM   2   C  "C5'" . DG  A 1 1 ? 6.834   -0.897  -5.588  1.00 9.53  ? 1   DG  A "C5'" 1 
ATOM   3   C  "C4'" . DG  A 1 1 ? 7.171   -2.340  -5.165  1.00 8.39  ? 1   DG  A "C4'" 1 
ATOM   4   O  "O4'" . DG  A 1 1 ? 5.991   -3.134  -5.126  1.00 8.58  ? 1   DG  A "O4'" 1 
ATOM   5   C  "C3'" . DG  A 1 1 ? 8.149   -3.012  -6.041  1.00 8.82  ? 1   DG  A "C3'" 1 
ATOM   6   O  "O3'" . DG  A 1 1 ? 8.951   -3.945  -5.191  1.00 10.01 ? 1   DG  A "O3'" 1 
ATOM   7   C  "C2'" . DG  A 1 1 ? 7.254   -3.894  -6.987  1.00 8.94  ? 1   DG  A "C2'" 1 
ATOM   8   C  "C1'" . DG  A 1 1 ? 6.179   -4.232  -5.989  1.00 8.73  ? 1   DG  A "C1'" 1 
ATOM   9   N  N9    . DG  A 1 1 ? 4.866   -4.537  -6.643  1.00 7.97  ? 1   DG  A N9    1 
ATOM   10  C  C8    . DG  A 1 1 ? 4.426   -5.807  -6.765  1.00 7.58  ? 1   DG  A C8    1 
ATOM   11  N  N7    . DG  A 1 1 ? 3.211   -5.820  -7.450  1.00 7.86  ? 1   DG  A N7    1 
ATOM   12  C  C5    . DG  A 1 1 ? 2.979   -4.531  -7.764  1.00 7.34  ? 1   DG  A C5    1 
ATOM   13  C  C6    . DG  A 1 1 ? 1.981   -3.975  -8.472  1.00 7.11  ? 1   DG  A C6    1 
ATOM   14  O  O6    . DG  A 1 1 ? 0.983   -4.540  -9.048  1.00 7.35  ? 1   DG  A O6    1 
ATOM   15  N  N1    . DG  A 1 1 ? 2.072   -2.568  -8.602  1.00 7.29  ? 1   DG  A N1    1 
ATOM   16  C  C2    . DG  A 1 1 ? 3.133   -1.793  -8.058  1.00 7.42  ? 1   DG  A C2    1 
ATOM   17  N  N2    . DG  A 1 1 ? 3.062   -0.524  -8.246  1.00 7.84  ? 1   DG  A N2    1 
ATOM   18  N  N3    . DG  A 1 1 ? 4.106   -2.395  -7.367  1.00 7.96  ? 1   DG  A N3    1 
ATOM   19  C  C4    . DG  A 1 1 ? 4.042   -3.713  -7.257  1.00 6.99  ? 1   DG  A C4    1 
ATOM   20  P  P     . DG  A 1 2 ? 10.233  -4.653  -5.730  1.00 10.97 ? 2   DG  A P     1 
ATOM   21  O  OP1   . DG  A 1 2 ? 10.890  -5.219  -4.514  1.00 13.58 ? 2   DG  A OP1   1 
ATOM   22  O  OP2   . DG  A 1 2 ? 10.983  -3.713  -6.600  1.00 14.54 ? 2   DG  A OP2   1 
ATOM   23  O  "O5'" . DG  A 1 2 ? 9.760   -5.805  -6.783  1.00 9.88  ? 2   DG  A "O5'" 1 
ATOM   24  C  "C5'" . DG  A 1 2 ? 9.325   -6.996  -6.150  1.00 12.02 ? 2   DG  A "C5'" 1 
ATOM   25  C  "C4'" . DG  A 1 2 ? 8.619   -7.818  -7.292  1.00 10.20 ? 2   DG  A "C4'" 1 
ATOM   26  O  "O4'" . DG  A 1 2 ? 7.370   -7.160  -7.718  1.00 9.55  ? 2   DG  A "O4'" 1 
ATOM   27  C  "C3'" . DG  A 1 2 ? 9.426   -8.040  -8.534  1.00 10.59 ? 2   DG  A "C3'" 1 
ATOM   28  O  "O3'" . DG  A 1 2 ? 9.480   -9.469  -8.645  1.00 14.31 ? 2   DG  A "O3'" 1 
ATOM   29  C  "C2'" . DG  A 1 2 ? 8.624   -7.365  -9.639  1.00 9.98  ? 2   DG  A "C2'" 1 
ATOM   30  C  "C1'" . DG  A 1 2 ? 7.230   -7.498  -9.145  1.00 9.22  ? 2   DG  A "C1'" 1 
ATOM   31  N  N9    . DG  A 1 2 ? 6.311   -6.498  -9.749  1.00 7.63  ? 2   DG  A N9    1 
ATOM   32  C  C8    . DG  A 1 2 ? 6.473   -5.200  -9.921  1.00 7.90  ? 2   DG  A C8    1 
ATOM   33  N  N7    . DG  A 1 2 ? 5.435   -4.571  -10.457 1.00 7.92  ? 2   DG  A N7    1 
ATOM   34  C  C5    . DG  A 1 2 ? 4.573   -5.635  -10.687 1.00 7.42  ? 2   DG  A C5    1 
ATOM   35  C  C6    . DG  A 1 2 ? 3.279   -5.670  -11.367 1.00 7.54  ? 2   DG  A C6    1 
ATOM   36  O  O6    . DG  A 1 2 ? 2.731   -4.677  -11.868 1.00 7.25  ? 2   DG  A O6    1 
ATOM   37  N  N1    . DG  A 1 2 ? 2.727   -6.894  -11.452 1.00 7.26  ? 2   DG  A N1    1 
ATOM   38  C  C2    . DG  A 1 2 ? 3.290   -8.061  -10.865 1.00 7.72  ? 2   DG  A C2    1 
ATOM   39  N  N2    . DG  A 1 2 ? 2.598   -9.186  -11.056 1.00 7.92  ? 2   DG  A N2    1 
ATOM   40  N  N3    . DG  A 1 2 ? 4.471   -8.043  -10.263 1.00 7.31  ? 2   DG  A N3    1 
ATOM   41  C  C4    . DG  A 1 2 ? 5.039   -6.825  -10.206 1.00 7.47  ? 2   DG  A C4    1 
ATOM   42  P  P     . DG  A 1 3 ? 10.061  -10.268 -9.999  1.00 14.82 ? 3   DG  A P     1 
ATOM   43  O  OP1   . DG  A 1 3 ? 10.852  -11.400 -9.334  1.00 20.27 ? 3   DG  A OP1   1 
ATOM   44  O  OP2   . DG  A 1 3 ? 10.681  -9.396  -10.851 1.00 17.10 ? 3   DG  A OP2   1 
ATOM   45  O  "O5'" . DG  A 1 3 ? 8.800   -10.848 -10.608 1.00 13.03 ? 3   DG  A "O5'" 1 
ATOM   46  C  "C5'" . DG  A 1 3 ? 8.001   -11.833 -9.862  1.00 13.04 ? 3   DG  A "C5'" 1 
ATOM   47  C  "C4'" . DG  A 1 3 ? 7.065   -12.436 -10.777 1.00 11.10 ? 3   DG  A "C4'" 1 
ATOM   48  O  "O4'" . DG  A 1 3 ? 6.035   -11.460 -11.249 1.00 10.89 ? 3   DG  A "O4'" 1 
ATOM   49  C  "C3'" . DG  A 1 3 ? 7.664   -13.077 -11.978 1.00 11.69 ? 3   DG  A "C3'" 1 
ATOM   50  O  "O3'" . DG  A 1 3 ? 6.777   -14.389 -12.160 1.00 14.29 ? 3   DG  A "O3'" 1 
ATOM   51  C  "C2'" . DG  A 1 3 ? 7.239   -12.149 -13.085 1.00 11.40 ? 3   DG  A "C2'" 1 
ATOM   52  C  "C1'" . DG  A 1 3 ? 6.018   -11.451 -12.695 1.00 9.92  ? 3   DG  A "C1'" 1 
ATOM   53  N  N9    . DG  A 1 3 ? 5.770   -10.111 -13.093 1.00 9.77  ? 3   DG  A N9    1 
ATOM   54  C  C8    . DG  A 1 3 ? 6.614   -9.020  -12.758 1.00 9.24  ? 3   DG  A C8    1 
ATOM   55  N  N7    . DG  A 1 3 ? 6.026   -7.902  -13.173 1.00 8.91  ? 3   DG  A N7    1 
ATOM   56  C  C5    . DG  A 1 3 ? 4.876   -8.300  -13.812 1.00 7.98  ? 3   DG  A C5    1 
ATOM   57  C  C6    . DG  A 1 3 ? 3.848   -7.475  -14.509 1.00 7.77  ? 3   DG  A C6    1 
ATOM   58  O  O6    . DG  A 1 3 ? 3.814   -6.256  -14.607 1.00 7.57  ? 3   DG  A O6    1 
ATOM   59  N  N1    . DG  A 1 3 ? 2.806   -8.236  -15.058 1.00 7.56  ? 3   DG  A N1    1 
ATOM   60  C  C2    . DG  A 1 3 ? 2.794   -9.659  -14.979 1.00 8.25  ? 3   DG  A C2    1 
ATOM   61  N  N2    . DG  A 1 3 ? 1.837   -10.220 -15.666 1.00 8.43  ? 3   DG  A N2    1 
ATOM   62  N  N3    . DG  A 1 3 ? 3.718   -10.357 -14.354 1.00 8.19  ? 3   DG  A N3    1 
ATOM   63  C  C4    . DG  A 1 3 ? 4.680   -9.650  -13.768 1.00 8.56  ? 3   DG  A C4    1 
ATOM   64  P  P     . DG  A 1 4 ? 7.206   -15.567 -13.081 1.00 14.57 ? 4   DG  A P     1 
ATOM   65  O  OP1   . DG  A 1 4 ? 6.511   -16.922 -12.631 1.00 18.81 ? 4   DG  A OP1   1 
ATOM   66  O  OP2   . DG  A 1 4 ? 8.680   -15.654 -12.961 1.00 18.69 ? 4   DG  A OP2   1 
ATOM   67  O  "O5'" . DG  A 1 4 ? 6.738   -15.177 -14.570 1.00 14.66 ? 4   DG  A "O5'" 1 
ATOM   68  C  "C5'" . DG  A 1 4 ? 5.517   -15.747 -14.861 1.00 13.00 ? 4   DG  A "C5'" 1 
ATOM   69  C  "C4'" . DG  A 1 4 ? 5.253   -15.147 -16.269 1.00 12.77 ? 4   DG  A "C4'" 1 
ATOM   70  O  "O4'" . DG  A 1 4 ? 4.911   -13.671 -16.310 1.00 12.01 ? 4   DG  A "O4'" 1 
ATOM   71  C  "C3'" . DG  A 1 4 ? 6.305   -15.263 -17.254 1.00 12.69 ? 4   DG  A "C3'" 1 
ATOM   72  O  "O3'" . DG  A 1 4 ? 5.865   -15.862 -18.563 1.00 17.54 ? 4   DG  A "O3'" 1 
ATOM   73  C  "C2'" . DG  A 1 4 ? 6.858   -13.843 -17.632 1.00 12.80 ? 4   DG  A "C2'" 1 
ATOM   74  C  "C1'" . DG  A 1 4 ? 5.538   -13.132 -17.469 1.00 11.06 ? 4   DG  A "C1'" 1 
ATOM   75  N  N9    . DG  A 1 4 ? 5.588   -11.695 -17.311 1.00 9.90  ? 4   DG  A N9    1 
ATOM   76  C  C8    . DG  A 1 4 ? 6.633   -10.967 -16.584 1.00 9.23  ? 4   DG  A C8    1 
ATOM   77  N  N7    . DG  A 1 4 ? 6.385   -9.701  -16.628 1.00 9.02  ? 4   DG  A N7    1 
ATOM   78  C  C5    . DG  A 1 4 ? 5.168   -9.557  -17.345 1.00 9.00  ? 4   DG  A C5    1 
ATOM   79  C  C6    . DG  A 1 4 ? 4.472   -8.407  -17.775 1.00 8.18  ? 4   DG  A C6    1 
ATOM   80  O  O6    . DG  A 1 4 ? 4.790   -7.190  -17.504 1.00 7.99  ? 4   DG  A O6    1 
ATOM   81  N  N1    . DG  A 1 4 ? 3.411   -8.676  -18.464 1.00 8.17  ? 4   DG  A N1    1 
ATOM   82  C  C2    . DG  A 1 4 ? 2.939   -9.974  -18.854 1.00 8.76  ? 4   DG  A C2    1 
ATOM   83  N  N2    . DG  A 1 4 ? 1.847   -10.004 -19.504 1.00 10.14 ? 4   DG  A N2    1 
ATOM   84  N  N3    . DG  A 1 4 ? 3.614   -11.022 -18.485 1.00 9.00  ? 4   DG  A N3    1 
ATOM   85  C  C4    . DG  A 1 4 ? 4.728   -10.762 -17.769 1.00 8.88  ? 4   DG  A C4    1 
ATOM   86  O  "O5'" . DG  B 1 1 ? -4.531  -5.976  8.709   1.00 8.12  ? 5   DG  B "O5'" 1 
ATOM   87  C  "C5'" . DG  B 1 1 ? -3.075  -6.148  8.661   1.00 8.88  ? 5   DG  B "C5'" 1 
ATOM   88  C  "C4'" . DG  B 1 1 ? -2.346  -4.934  8.938   1.00 8.08  ? 5   DG  B "C4'" 1 
ATOM   89  O  "O4'" . DG  B 1 1 ? -2.608  -3.924  7.899   1.00 7.50  ? 5   DG  B "O4'" 1 
ATOM   90  C  "C3'" . DG  B 1 1 ? -2.649  -4.245  10.221  1.00 7.97  ? 5   DG  B "C3'" 1 
ATOM   91  O  "O3'" . DG  B 1 1 ? -1.451  -3.623  10.697  1.00 9.20  ? 5   DG  B "O3'" 1 
ATOM   92  C  "C2'" . DG  B 1 1 ? -3.703  -3.197  9.889   1.00 8.24  ? 5   DG  B "C2'" 1 
ATOM   93  C  "C1'" . DG  B 1 1 ? -3.110  -2.769  8.506   1.00 8.03  ? 5   DG  B "C1'" 1 
ATOM   94  N  N9    . DG  B 1 1 ? -4.138  -2.196  7.630   1.00 7.42  ? 5   DG  B N9    1 
ATOM   95  C  C8    . DG  B 1 1 ? -4.228  -0.816  7.364   1.00 7.47  ? 5   DG  B C8    1 
ATOM   96  N  N7    . DG  B 1 1 ? -5.298  -0.532  6.637   1.00 7.23  ? 5   DG  B N7    1 
ATOM   97  C  C5    . DG  B 1 1 ? -5.916  -1.740  6.379   1.00 6.97  ? 5   DG  B C5    1 
ATOM   98  C  C6    . DG  B 1 1 ? -7.086  -2.050  5.672   1.00 6.49  ? 5   DG  B C6    1 
ATOM   99  O  O6    . DG  B 1 1 ? -7.831  -1.236  5.077   1.00 6.95  ? 5   DG  B O6    1 
ATOM   100 N  N1    . DG  B 1 1 ? -7.400  -3.408  5.696   1.00 6.74  ? 5   DG  B N1    1 
ATOM   101 C  C2    . DG  B 1 1 ? -6.601  -4.400  6.317   1.00 6.46  ? 5   DG  B C2    1 
ATOM   102 N  N2    . DG  B 1 1 ? -7.062  -5.630  6.215   1.00 6.93  ? 5   DG  B N2    1 
ATOM   103 N  N3    . DG  B 1 1 ? -5.518  -4.059  6.987   1.00 6.75  ? 5   DG  B N3    1 
ATOM   104 C  C4    . DG  B 1 1 ? -5.233  -2.765  7.012   1.00 6.35  ? 5   DG  B C4    1 
ATOM   105 P  P     . DG  B 1 2 ? -1.327  -2.966  12.166  1.00 10.19 ? 6   DG  B P     1 
ATOM   106 O  OP1   . DG  B 1 2 ? 0.143   -2.680  12.269  1.00 11.97 ? 6   DG  B OP1   1 
ATOM   107 O  OP2   . DG  B 1 2 ? -1.968  -3.784  13.081  1.00 12.88 ? 6   DG  B OP2   1 
ATOM   108 O  "O5'" . DG  B 1 2 ? -2.171  -1.622  12.141  1.00 9.48  ? 6   DG  B "O5'" 1 
ATOM   109 C  "C5'" . DG  B 1 2 ? -1.700  -0.424  11.491  1.00 8.96  ? 6   DG  B "C5'" 1 
ATOM   110 C  "C4'" . DG  B 1 2 ? -2.717  0.613   11.423  1.00 9.30  ? 6   DG  B "C4'" 1 
ATOM   111 O  "O4'" . DG  B 1 2 ? -3.754  0.199   10.510  1.00 8.86  ? 6   DG  B "O4'" 1 
ATOM   112 C  "C3'" . DG  B 1 2 ? -3.436  0.929   12.733  1.00 9.25  ? 6   DG  B "C3'" 1 
ATOM   113 O  "O3'" . DG  B 1 2 ? -3.255  2.379   12.913  1.00 9.87  ? 6   DG  B "O3'" 1 
ATOM   114 C  "C2'" . DG  B 1 2 ? -4.825  0.548   12.529  1.00 8.90  ? 6   DG  B "C2'" 1 
ATOM   115 C  "C1'" . DG  B 1 2 ? -4.963  0.760   10.977  1.00 7.34  ? 6   DG  B "C1'" 1 
ATOM   116 N  N9    . DG  B 1 2 ? -6.031  0.061   10.360  1.00 7.55  ? 6   DG  B N9    1 
ATOM   117 C  C8    . DG  B 1 2 ? -6.360  -1.295  10.462  1.00 7.65  ? 6   DG  B C8    1 
ATOM   118 N  N7    . DG  B 1 2 ? -7.406  -1.613  9.738   1.00 6.77  ? 6   DG  B N7    1 
ATOM   119 C  C5    . DG  B 1 2 ? -7.770  -0.432  9.125   1.00 6.70  ? 6   DG  B C5    1 
ATOM   120 C  C6    . DG  B 1 2 ? -8.870  -0.178  8.242   1.00 6.53  ? 6   DG  B C6    1 
ATOM   121 O  O6    . DG  B 1 2 ? -9.704  -1.014  7.863   1.00 7.19  ? 6   DG  B O6    1 
ATOM   122 N  N1    . DG  B 1 2 ? -8.948  1.148   7.909   1.00 6.71  ? 6   DG  B N1    1 
ATOM   123 C  C2    . DG  B 1 2 ? -8.074  2.086   8.316   1.00 6.47  ? 6   DG  B C2    1 
ATOM   124 N  N2    . DG  B 1 2 ? -8.322  3.345   7.873   1.00 7.55  ? 6   DG  B N2    1 
ATOM   125 N  N3    . DG  B 1 2 ? -7.048  1.880   9.104   1.00 6.85  ? 6   DG  B N3    1 
ATOM   126 C  C4    . DG  B 1 2 ? -6.986  0.609   9.464   1.00 6.96  ? 6   DG  B C4    1 
ATOM   127 P  P     . DG  B 1 3 ? -3.883  3.242   14.057  1.00 9.92  ? 7   DG  B P     1 
ATOM   128 O  OP1   . DG  B 1 3 ? -2.805  4.147   14.475  1.00 11.84 ? 7   DG  B OP1   1 
ATOM   129 O  OP2   . DG  B 1 3 ? -4.555  2.391   15.043  1.00 10.66 ? 7   DG  B OP2   1 
ATOM   130 O  "O5'" . DG  B 1 3 ? -5.012  4.024   13.355  1.00 9.76  ? 7   DG  B "O5'" 1 
ATOM   131 C  "C5'" . DG  B 1 3 ? -4.584  5.001   12.268  1.00 9.72  ? 7   DG  B "C5'" 1 
ATOM   132 C  "C4'" . DG  B 1 3 ? -5.843  5.849   11.988  1.00 9.58  ? 7   DG  B "C4'" 1 
ATOM   133 O  "O4'" . DG  B 1 3 ? -6.797  5.085   11.208  1.00 9.63  ? 7   DG  B "O4'" 1 
ATOM   134 C  "C3'" . DG  B 1 3 ? -6.553  6.441   13.140  1.00 10.30 ? 7   DG  B "C3'" 1 
ATOM   135 O  "O3'" . DG  B 1 3 ? -6.787  7.842   12.758  1.00 11.17 ? 7   DG  B "O3'" 1 
ATOM   136 C  "C2'" . DG  B 1 3 ? -7.853  5.592   13.289  1.00 10.48 ? 7   DG  B "C2'" 1 
ATOM   137 C  "C1'" . DG  B 1 3 ? -8.092  5.219   11.799  1.00 8.75  ? 7   DG  B "C1'" 1 
ATOM   138 N  N9    . DG  B 1 3 ? -8.774  3.933   11.633  1.00 8.55  ? 7   DG  B N9    1 
ATOM   139 C  C8    . DG  B 1 3 ? -8.351  2.731   12.107  1.00 9.29  ? 7   DG  B C8    1 
ATOM   140 N  N7    . DG  B 1 3 ? -9.180  1.748   11.690  1.00 8.17  ? 7   DG  B N7    1 
ATOM   141 C  C5    . DG  B 1 3 ? -10.118 2.369   10.950  1.00 7.34  ? 7   DG  B C5    1 
ATOM   142 C  C6    . DG  B 1 3 ? -11.203 1.867   10.229  1.00 6.99  ? 7   DG  B C6    1 
ATOM   143 O  O6    . DG  B 1 3 ? -11.532 0.643   10.117  1.00 7.91  ? 7   DG  B O6    1 
ATOM   144 N  N1    . DG  B 1 3 ? -11.979 2.838   9.625   1.00 7.27  ? 7   DG  B N1    1 
ATOM   145 C  C2    . DG  B 1 3 ? -11.784 4.168   9.681   1.00 7.67  ? 7   DG  B C2    1 
ATOM   146 N  N2    . DG  B 1 3 ? -12.650 5.000   9.141   1.00 7.77  ? 7   DG  B N2    1 
ATOM   147 N  N3    . DG  B 1 3 ? -10.660 4.716   10.316  1.00 7.92  ? 7   DG  B N3    1 
ATOM   148 C  C4    . DG  B 1 3 ? -9.936  3.739   10.912  1.00 7.95  ? 7   DG  B C4    1 
ATOM   149 P  P     . DG  B 1 4 ? -7.351  8.897   13.762  1.00 12.77 ? 8   DG  B P     1 
ATOM   150 O  OP1   . DG  B 1 4 ? -6.937  10.339  13.296  1.00 15.35 ? 8   DG  B OP1   1 
ATOM   151 O  OP2   . DG  B 1 4 ? -7.056  8.438   15.094  1.00 14.45 ? 8   DG  B OP2   1 
ATOM   152 O  "O5'" . DG  B 1 4 ? -8.916  8.817   13.724  1.00 12.60 ? 8   DG  B "O5'" 1 
ATOM   153 C  "C5'" . DG  B 1 4 ? -9.731  9.464   12.664  1.00 12.71 ? 8   DG  B "C5'" 1 
ATOM   154 C  "C4'" . DG  B 1 4 ? -11.081 9.308   12.799  1.00 12.47 ? 8   DG  B "C4'" 1 
ATOM   155 O  "O4'" . DG  B 1 4 ? -11.473 7.948   12.492  1.00 12.42 ? 8   DG  B "O4'" 1 
ATOM   156 C  "C3'" . DG  B 1 4 ? -11.499 9.459   14.303  1.00 13.83 ? 8   DG  B "C3'" 1 
ATOM   157 O  "O3'" . DG  B 1 4 ? -12.632 10.319  14.234  1.00 19.63 ? 8   DG  B "O3'" 1 
ATOM   158 C  "C2'" . DG  B 1 4 ? -11.899 7.992   14.788  1.00 14.09 ? 8   DG  B "C2'" 1 
ATOM   159 C  "C1'" . DG  B 1 4 ? -12.433 7.508   13.502  1.00 11.97 ? 8   DG  B "C1'" 1 
ATOM   160 N  N9    . DG  B 1 4 ? -12.388 6.024   13.386  1.00 10.81 ? 8   DG  B N9    1 
ATOM   161 C  C8    . DG  B 1 4 ? -11.514 5.116   13.960  1.00 9.87  ? 8   DG  B C8    1 
ATOM   162 N  N7    . DG  B 1 4 ? -11.841 3.899   13.629  1.00 9.33  ? 8   DG  B N7    1 
ATOM   163 C  C5    . DG  B 1 4 ? -12.981 3.972   12.868  1.00 9.35  ? 8   DG  B C5    1 
ATOM   164 C  C6    . DG  B 1 4 ? -13.757 2.927   12.264  1.00 9.14  ? 8   DG  B C6    1 
ATOM   165 O  O6    . DG  B 1 4 ? -13.586 1.735   12.320  1.00 8.56  ? 8   DG  B O6    1 
ATOM   166 N  N1    . DG  B 1 4 ? -14.839 3.490   11.540  1.00 8.89  ? 8   DG  B N1    1 
ATOM   167 C  C2    . DG  B 1 4 ? -15.181 4.852   11.398  1.00 9.93  ? 8   DG  B C2    1 
ATOM   168 N  N2    . DG  B 1 4 ? -16.162 5.165   10.722  1.00 10.72 ? 8   DG  B N2    1 
ATOM   169 N  N3    . DG  B 1 4 ? -14.417 5.753   12.064  1.00 10.58 ? 8   DG  B N3    1 
ATOM   170 C  C4    . DG  B 1 4 ? -13.350 5.334   12.659  1.00 10.34 ? 8   DG  B C4    1 
HETATM 171 C  C1    . DM1 C 2 . ? 0.731   -2.892  -5.324  1.00 8.11  ? 9   DM1 A C1    1 
HETATM 172 C  C2    . DM1 C 2 . ? 0.282   -4.211  -5.497  1.00 8.92  ? 9   DM1 A C2    1 
HETATM 173 C  C3    . DM1 C 2 . ? 0.945   -5.283  -5.041  1.00 8.78  ? 9   DM1 A C3    1 
HETATM 174 C  C4    . DM1 C 2 . ? 2.137   -5.050  -4.286  1.00 7.97  ? 9   DM1 A C4    1 
HETATM 175 O  O4    . DM1 C 2 . ? 2.883   -6.103  -3.800  1.00 8.62  ? 9   DM1 A O4    1 
HETATM 176 C  C5    . DM1 C 2 . ? 2.599   -3.746  -4.019  1.00 7.92  ? 9   DM1 A C5    1 
HETATM 177 C  C6    . DM1 C 2 . ? 3.802   -3.506  -3.142  1.00 8.70  ? 9   DM1 A C6    1 
HETATM 178 O  O6    . DM1 C 2 . ? 4.344   -4.436  -2.535  1.00 9.45  ? 9   DM1 A O6    1 
HETATM 179 C  C7    . DM1 C 2 . ? 4.182   -2.122  -2.991  1.00 7.77  ? 9   DM1 A C7    1 
HETATM 180 C  C8    . DM1 C 2 . ? 5.325   -1.848  -2.192  1.00 9.22  ? 9   DM1 A C8    1 
HETATM 181 O  O8    . DM1 C 2 . ? 5.993   -2.820  -1.550  1.00 9.44  ? 9   DM1 A O8    1 
HETATM 182 C  C9    . DM1 C 2 . ? 5.814   -0.511  -2.063  1.00 8.55  ? 9   DM1 A C9    1 
HETATM 183 C  C10   . DM1 C 2 . ? 7.047   -0.314  -1.220  1.00 9.71  ? 9   DM1 A C10   1 
HETATM 184 O  O10   . DM1 C 2 . ? 8.137   -1.081  -1.810  1.00 9.89  ? 9   DM1 A O10   1 
HETATM 185 C  C11   . DM1 C 2 . ? 7.448   1.158   -1.084  1.00 11.28 ? 9   DM1 A C11   1 
HETATM 186 C  C12   . DM1 C 2 . ? 7.138   1.978   -2.306  1.00 11.24 ? 9   DM1 A C12   1 
HETATM 187 O  O12   . DM1 C 2 . ? 7.835   1.478   -3.449  1.00 11.31 ? 9   DM1 A O12   1 
HETATM 188 C  C13   . DM1 C 2 . ? 7.540   3.471   -2.086  1.00 13.30 ? 9   DM1 A C13   1 
HETATM 189 O  O13   . DM1 C 2 . ? 6.868   4.136   -1.323  1.00 17.94 ? 9   DM1 A O13   1 
HETATM 190 C  C14   . DM1 C 2 . ? 8.650   4.073   -2.885  1.00 18.29 ? 9   DM1 A C14   1 
HETATM 191 C  C15   . DM1 C 2 . ? 5.625   1.976   -2.638  1.00 11.22 ? 9   DM1 A C15   1 
HETATM 192 C  C16   . DM1 C 2 . ? 5.204   0.529   -2.693  1.00 9.48  ? 9   DM1 A C16   1 
HETATM 193 C  C17   . DM1 C 2 . ? 4.045   0.265   -3.519  1.00 8.52  ? 9   DM1 A C17   1 
HETATM 194 O  O17   . DM1 C 2 . ? 3.414   1.310   -4.063  1.00 9.77  ? 9   DM1 A O17   1 
HETATM 195 C  C18   . DM1 C 2 . ? 3.558   -1.056  -3.612  1.00 8.60  ? 9   DM1 A C18   1 
HETATM 196 C  C19   . DM1 C 2 . ? 2.368   -1.304  -4.406  1.00 7.62  ? 9   DM1 A C19   1 
HETATM 197 O  O19   . DM1 C 2 . ? 1.765   -0.379  -4.975  1.00 9.51  ? 9   DM1 A O19   1 
HETATM 198 C  C20   . DM1 C 2 . ? 1.907   -2.712  -4.580  1.00 8.54  ? 9   DM1 A C20   1 
HETATM 199 C  C21   . DM1 C 2 . ? 2.400   -7.412  -4.052  1.00 8.68  ? 9   DM1 A C21   1 
HETATM 200 C  "C1'" . DM1 C 2 . ? 8.707   -1.925  -0.871  1.00 11.61 ? 9   DM1 A "C1'" 1 
HETATM 201 C  "C2'" . DM1 C 2 . ? 9.548   -2.943  -1.560  1.00 10.67 ? 9   DM1 A "C2'" 1 
HETATM 202 C  "C3'" . DM1 C 2 . ? 10.892  -2.367  -2.037  1.00 11.29 ? 9   DM1 A "C3'" 1 
HETATM 203 N  "N3'" . DM1 C 2 . ? 11.761  -3.463  -2.541  1.00 11.40 ? 9   DM1 A "N3'" 1 
HETATM 204 C  "C4'" . DM1 C 2 . ? 11.581  -1.643  -0.899  1.00 13.20 ? 9   DM1 A "C4'" 1 
HETATM 205 O  "O4'" . DM1 C 2 . ? 11.960  -2.627  0.060   1.00 16.90 ? 9   DM1 A "O4'" 1 
HETATM 206 C  "C5'" . DM1 C 2 . ? 10.654  -0.557  -0.405  1.00 11.78 ? 9   DM1 A "C5'" 1 
HETATM 207 O  "O5'" . DM1 C 2 . ? 9.426   -1.188  0.128   1.00 12.00 ? 9   DM1 A "O5'" 1 
HETATM 208 C  "C6'" . DM1 C 2 . ? 11.204  0.185   0.855   1.00 15.82 ? 9   DM1 A "C6'" 1 
HETATM 209 C  C1    . DM1 D 2 . ? 0.426   -1.704  -1.617  1.00 12.31 ? 10  DM1 A C1    1 
HETATM 210 C  C2    . DM1 D 2 . ? 1.138   -2.602  -0.831  1.00 10.80 ? 10  DM1 A C2    1 
HETATM 211 C  C3    . DM1 D 2 . ? 2.242   -2.242  -0.136  1.00 12.78 ? 10  DM1 A C3    1 
HETATM 212 C  C4    . DM1 D 2 . ? 2.637   -0.904  -0.076  1.00 10.28 ? 10  DM1 A C4    1 
HETATM 213 O  O4    . DM1 D 2 . ? 3.694   -0.424  0.629   1.00 11.98 ? 10  DM1 A O4    1 
HETATM 214 C  C5    . DM1 D 2 . ? 1.907   0.070   -0.831  1.00 10.79 ? 10  DM1 A C5    1 
HETATM 215 C  C6    . DM1 D 2 . ? 2.312   1.521   -0.857  1.00 10.26 ? 10  DM1 A C6    1 
HETATM 216 O  O6    . DM1 D 2 . ? 3.239   1.965   -0.155  1.00 12.69 ? 10  DM1 A O6    1 
HETATM 217 C  C7    . DM1 D 2 . ? 1.539   2.399   -1.746  1.00 10.98 ? 10  DM1 A C7    1 
HETATM 218 C  C8    . DM1 D 2 . ? 1.952   3.744   -1.901  1.00 11.13 ? 10  DM1 A C8    1 
HETATM 219 O  O8    . DM1 D 2 . ? 2.992   4.236   -1.212  1.00 12.62 ? 10  DM1 A O8    1 
HETATM 220 C  C9    . DM1 D 2 . ? 1.226   4.619   -2.782  1.00 11.31 ? 10  DM1 A C9    1 
HETATM 221 C  C10   . DM1 D 2 . ? 1.873   5.975   -3.001  1.00 11.16 ? 10  DM1 A C10   1 
HETATM 222 O  O10   . DM1 D 2 . ? 3.028   5.721   -3.823  1.00 12.13 ? 10  DM1 A O10   1 
HETATM 223 C  C11   . DM1 D 2 . ? 0.892   6.940   -3.694  1.00 12.29 ? 10  DM1 A C11   1 
HETATM 224 C  C12   . DM1 D 2 . ? 0.085   6.323   -4.834  1.00 9.92  ? 10  DM1 A C12   1 
HETATM 225 O  O12   . DM1 D 2 . ? 0.944   5.859   -5.849  1.00 11.28 ? 10  DM1 A O12   1 
HETATM 226 C  C13   . DM1 D 2 . ? -0.852  7.411   -5.420  1.00 11.84 ? 10  DM1 A C13   1 
HETATM 227 O  O13   . DM1 D 2 . ? -1.937  7.500   -4.966  1.00 12.32 ? 10  DM1 A O13   1 
HETATM 228 C  C14   . DM1 D 2 . ? -0.233  8.341   -6.460  1.00 13.08 ? 10  DM1 A C14   1 
HETATM 229 C  C15   . DM1 D 2 . ? -0.758  5.152   -4.286  1.00 11.31 ? 10  DM1 A C15   1 
HETATM 230 C  C16   . DM1 D 2 . ? 0.114   4.237   -3.439  1.00 9.86  ? 10  DM1 A C16   1 
HETATM 231 C  C17   . DM1 D 2 . ? -0.362  2.910   -3.211  1.00 10.54 ? 10  DM1 A C17   1 
HETATM 232 O  O17   . DM1 D 2 . ? -1.450  2.510   -3.888  1.00 12.43 ? 10  DM1 A O17   1 
HETATM 233 C  C18   . DM1 D 2 . ? 0.407   1.982   -2.441  1.00 10.93 ? 10  DM1 A C18   1 
HETATM 234 C  C19   . DM1 D 2 . ? -0.029  0.595   -2.337  1.00 11.18 ? 10  DM1 A C19   1 
HETATM 235 O  O19   . DM1 D 2 . ? -1.036  0.183   -2.957  1.00 11.55 ? 10  DM1 A O19   1 
HETATM 236 C  C20   . DM1 D 2 . ? 0.810   -0.333  -1.530  1.00 10.36 ? 10  DM1 A C20   1 
HETATM 237 C  C21   . DM1 D 2 . ? 4.483   -1.419  1.330   1.00 12.01 ? 10  DM1 A C21   1 
HETATM 238 C  "C1'" . DM1 D 2 . ? 4.174   6.454   -3.444  1.00 13.37 ? 10  DM1 A "C1'" 1 
HETATM 239 C  "C2'" . DM1 D 2 . ? 5.374   5.800   -4.064  1.00 14.42 ? 10  DM1 A "C2'" 1 
HETATM 240 C  "C3'" . DM1 D 2 . ? 5.329   5.986   -5.603  1.00 16.81 ? 10  DM1 A "C3'" 1 
HETATM 241 N  "N3'" . DM1 D 2 . ? 6.572   5.382   -6.146  1.00 14.60 ? 10  DM1 A "N3'" 1 
HETATM 242 C  "C4'" . DM1 D 2 . ? 5.179   7.452   -5.978  1.00 17.53 ? 10  DM1 A "C4'" 1 
HETATM 243 O  "O4'" . DM1 D 2 . ? 6.361   8.113   -5.543  1.00 19.86 ? 10  DM1 A "O4'" 1 
HETATM 244 C  "C5'" . DM1 D 2 . ? 3.920   7.961   -5.311  1.00 15.69 ? 10  DM1 A "C5'" 1 
HETATM 245 O  "O5'" . DM1 D 2 . ? 4.022   7.831   -3.864  1.00 16.02 ? 10  DM1 A "O5'" 1 
HETATM 246 C  "C6'" . DM1 D 2 . ? 3.642   9.449   -5.621  1.00 18.21 ? 10  DM1 A "C6'" 1 
HETATM 247 NA NA    . NA  E 3 . ? -0.039  -4.040  -11.575 0.25 5.97  ? 13  NA  A NA    1 
HETATM 248 NA NA    . NA  F 3 . ? 1.823   -4.535  -14.517 0.25 6.02  ? 14  NA  A NA    1 
HETATM 249 NA NA    . NA  G 3 . ? 3.755   -5.049  -17.570 0.25 7.97  ? 15  NA  A NA    1 
HETATM 250 C  C1    . DM1 H 2 . ? -3.763  2.912   -1.339  1.00 10.74 ? 11  DM1 B C1    1 
HETATM 251 C  C2    . DM1 H 2 . ? -4.200  4.100   -1.882  1.00 9.85  ? 11  DM1 B C2    1 
HETATM 252 C  C3    . DM1 H 2 . ? -3.569  5.273   -1.722  1.00 10.54 ? 11  DM1 B C3    1 
HETATM 253 C  C4    . DM1 H 2 . ? -2.336  5.293   -1.038  1.00 8.80  ? 11  DM1 B C4    1 
HETATM 254 O  O4    . DM1 H 2 . ? -1.592  6.389   -0.901  1.00 10.41 ? 11  DM1 B O4    1 
HETATM 255 C  C5    . DM1 H 2 . ? -1.861  4.096   -0.395  1.00 9.11  ? 11  DM1 B C5    1 
HETATM 256 C  C6    . DM1 H 2 . ? -0.602  4.092   0.385   1.00 8.56  ? 11  DM1 B C6    1 
HETATM 257 O  O6    . DM1 H 2 . ? 0.125   5.085   0.510   1.00 10.91 ? 11  DM1 B O6    1 
HETATM 258 C  C7    . DM1 H 2 . ? -0.257  2.843   1.083   1.00 8.45  ? 11  DM1 B C7    1 
HETATM 259 C  C8    . DM1 H 2 . ? 0.832   2.859   1.973   1.00 9.03  ? 11  DM1 B C8    1 
HETATM 260 O  O8    . DM1 H 2 . ? 1.615   3.943   2.137   1.00 9.78  ? 11  DM1 B O8    1 
HETATM 261 C  C9    . DM1 H 2 . ? 1.184   1.657   2.677   1.00 8.07  ? 11  DM1 B C9    1 
HETATM 262 C  C10   . DM1 H 2 . ? 2.303   1.786   3.675   1.00 9.30  ? 11  DM1 B C10   1 
HETATM 263 O  O10   . DM1 H 2 . ? 1.702   2.526   4.752   1.00 9.17  ? 11  DM1 B O10   1 
HETATM 264 C  C11   . DM1 H 2 . ? 2.814   0.412   4.120   1.00 10.14 ? 11  DM1 B C11   1 
HETATM 265 C  C12   . DM1 H 2 . ? 1.715   -0.591  4.402   1.00 9.22  ? 11  DM1 B C12   1 
HETATM 266 O  O12   . DM1 H 2 . ? 0.858   -0.141  5.449   1.00 9.06  ? 11  DM1 B O12   1 
HETATM 267 C  C13   . DM1 H 2 . ? 2.338   -1.934  4.859   1.00 9.73  ? 11  DM1 B C13   1 
HETATM 268 O  O13   . DM1 H 2 . ? 2.658   -2.744  4.074   1.00 9.89  ? 11  DM1 B O13   1 
HETATM 269 C  C14   . DM1 H 2 . ? 2.725   -2.065  6.317   1.00 10.31 ? 11  DM1 B C14   1 
HETATM 270 C  C15   . DM1 H 2 . ? 0.899   -0.821  3.111   1.00 9.23  ? 11  DM1 B C15   1 
HETATM 271 C  C16   . DM1 H 2 . ? 0.506   0.486   2.482   1.00 8.76  ? 11  DM1 B C16   1 
HETATM 272 C  C17   . DM1 H 2 . ? -0.572  0.469   1.533   1.00 9.22  ? 11  DM1 B C17   1 
HETATM 273 O  O17   . DM1 H 2 . ? -1.248  -0.671  1.370   1.00 9.87  ? 11  DM1 B O17   1 
HETATM 274 C  C18   . DM1 H 2 . ? -0.984  1.666   0.925   1.00 8.64  ? 11  DM1 B C18   1 
HETATM 275 C  C19   . DM1 H 2 . ? -2.142  1.632   0.026   1.00 8.88  ? 11  DM1 B C19   1 
HETATM 276 O  O19   . DM1 H 2 . ? -2.773  0.576   -0.164  1.00 9.86  ? 11  DM1 B O19   1 
HETATM 277 C  C20   . DM1 H 2 . ? -2.565  2.928   -0.575  1.00 8.68  ? 11  DM1 B C20   1 
HETATM 278 C  C21   . DM1 H 2 . ? -2.164  7.634   -1.410  1.00 11.49 ? 11  DM1 B C21   1 
HETATM 279 C  "C1'" . DM1 H 2 . ? 2.564   3.541   5.287   1.00 9.95  ? 11  DM1 B "C1'" 1 
HETATM 280 C  "C2'" . DM1 H 2 . ? 1.679   4.459   6.107   1.00 11.68 ? 11  DM1 B "C2'" 1 
HETATM 281 C  "C3'" . DM1 H 2 . ? 1.116   3.774   7.339   1.00 11.63 ? 11  DM1 B "C3'" 1 
HETATM 282 N  "N3'" . DM1 H 2 . ? 0.350   4.799   8.134   1.00 12.18 ? 11  DM1 B "N3'" 1 
HETATM 283 C  "C4'" . DM1 H 2 . ? 2.205   3.121   8.172   1.00 11.82 ? 11  DM1 B "C4'" 1 
HETATM 284 O  "O4'" . DM1 H 2 . ? 3.037   4.134   8.712   1.00 15.17 ? 11  DM1 B "O4'" 1 
HETATM 285 C  "C5'" . DM1 H 2 . ? 2.939   2.164   7.285   1.00 11.30 ? 11  DM1 B "C5'" 1 
HETATM 286 O  "O5'" . DM1 H 2 . ? 3.534   2.900   6.167   1.00 11.73 ? 11  DM1 B "O5'" 1 
HETATM 287 C  "C6'" . DM1 H 2 . ? 4.131   1.384   7.932   1.00 15.42 ? 11  DM1 B "C6'" 1 
HETATM 288 C  C1    . DM1 I 2 . ? -6.590  1.854   1.252   1.00 7.84  ? 12  DM1 B C1    1 
HETATM 289 C  C2    . DM1 I 2 . ? -7.742  1.740   0.564   1.00 8.88  ? 12  DM1 B C2    1 
HETATM 290 C  C3    . DM1 I 2 . ? -8.518  2.688   0.043   1.00 7.87  ? 12  DM1 B C3    1 
HETATM 291 C  C4    . DM1 I 2 . ? -7.986  4.016   0.147   1.00 7.84  ? 12  DM1 B C4    1 
HETATM 292 O  O4    . DM1 I 2 . ? -8.671  5.108   -0.296  1.00 7.70  ? 12  DM1 B O4    1 
HETATM 293 C  C5    . DM1 I 2 . ? -6.726  4.235   0.792   1.00 7.03  ? 12  DM1 B C5    1 
HETATM 294 C  C6    . DM1 I 2 . ? -6.090  5.581   0.813   1.00 7.38  ? 12  DM1 B C6    1 
HETATM 295 O  O6    . DM1 I 2 . ? -6.609  6.587   0.237   1.00 8.01  ? 12  DM1 B O6    1 
HETATM 296 C  C7    . DM1 I 2 . ? -4.810  5.723   1.492   1.00 6.87  ? 12  DM1 B C7    1 
HETATM 297 C  C8    . DM1 I 2 . ? -4.232  6.991   1.539   1.00 7.95  ? 12  DM1 B C8    1 
HETATM 298 O  O8    . DM1 I 2 . ? -4.760  8.084   0.974   1.00 8.81  ? 12  DM1 B O8    1 
HETATM 299 C  C9    . DM1 I 2 . ? -2.981  7.161   2.240   1.00 7.25  ? 12  DM1 B C9    1 
HETATM 300 C  C10   . DM1 I 2 . ? -2.450  8.576   2.279   1.00 9.12  ? 12  DM1 B C10   1 
HETATM 301 O  O10   . DM1 I 2 . ? -3.372  9.446   2.959   1.00 9.10  ? 12  DM1 B O10   1 
HETATM 302 C  C11   . DM1 I 2 . ? -1.067  8.643   2.944   1.00 10.06 ? 12  DM1 B C11   1 
HETATM 303 C  C12   . DM1 I 2 . ? -0.853  7.647   4.059   1.00 9.59  ? 12  DM1 B C12   1 
HETATM 304 O  O12   . DM1 I 2 . ? -1.807  7.858   5.084   1.00 9.85  ? 12  DM1 B O12   1 
HETATM 305 C  C13   . DM1 I 2 . ? 0.603   7.729   4.602   1.00 10.80 ? 12  DM1 B C13   1 
HETATM 306 O  O13   . DM1 I 2 . ? 1.590   7.461   3.924   1.00 15.59 ? 12  DM1 B O13   1 
HETATM 307 C  C14   . DM1 I 2 . ? 0.702   7.983   6.046   1.00 14.65 ? 12  DM1 B C14   1 
HETATM 308 C  C15   . DM1 I 2 . ? -1.055  6.191   3.584   1.00 9.04  ? 12  DM1 B C15   1 
HETATM 309 C  C16   . DM1 I 2 . ? -2.371  6.113   2.850   1.00 8.40  ? 12  DM1 B C16   1 
HETATM 310 C  C17   . DM1 I 2 . ? -2.973  4.820   2.742   1.00 7.73  ? 12  DM1 B C17   1 
HETATM 311 O  O17   . DM1 I 2 . ? -2.306  3.793   3.339   1.00 8.82  ? 12  DM1 B O17   1 
HETATM 312 C  C18   . DM1 I 2 . ? -4.180  4.642   2.064   1.00 7.69  ? 12  DM1 B C18   1 
HETATM 313 C  C19   . DM1 I 2 . ? -4.783  3.329   2.028   1.00 7.54  ? 12  DM1 B C19   1 
HETATM 314 O  O19   . DM1 I 2 . ? -4.233  2.332   2.539   1.00 9.06  ? 12  DM1 B O19   1 
HETATM 315 C  C20   . DM1 I 2 . ? -6.083  3.164   1.322   1.00 7.50  ? 12  DM1 B C20   1 
HETATM 316 C  C21   . DM1 I 2 . ? -9.957  4.866   -0.910  1.00 8.79  ? 12  DM1 B C21   1 
HETATM 317 C  "C1'" . DM1 I 2 . ? -3.662  10.605  2.256   1.00 10.24 ? 12  DM1 B "C1'" 1 
HETATM 318 C  "C2'" . DM1 I 2 . ? -4.920  11.286  2.751   1.00 11.19 ? 12  DM1 B "C2'" 1 
HETATM 319 C  "C3'" . DM1 I 2 . ? -4.696  11.950  4.107   1.00 11.52 ? 12  DM1 B "C3'" 1 
HETATM 320 N  "N3'" . DM1 I 2 . ? -5.900  12.759  4.499   1.00 12.82 ? 12  DM1 B "N3'" 1 
HETATM 321 C  "C4'" . DM1 I 2 . ? -3.459  12.855  4.018   1.00 12.42 ? 12  DM1 B "C4'" 1 
HETATM 322 O  "O4'" . DM1 I 2 . ? -3.795  13.951  3.172   1.00 15.40 ? 12  DM1 B "O4'" 1 
HETATM 323 C  "C5'" . DM1 I 2 . ? -2.283  12.049  3.541   1.00 14.37 ? 12  DM1 B "C5'" 1 
HETATM 324 O  "O5'" . DM1 I 2 . ? -2.558  11.528  2.221   1.00 11.80 ? 12  DM1 B "O5'" 1 
HETATM 325 C  "C6'" . DM1 I 2 . ? -0.990  12.902  3.364   1.00 14.69 ? 12  DM1 B "C6'" 1 
HETATM 326 NA NA    . NA  J 3 . ? -10.614 -1.229  5.135   0.25 5.70  ? 16  NA  B NA    1 
HETATM 327 NA NA    . NA  K 3 . ? -12.464 -0.737  8.059   0.25 6.04  ? 17  NA  B NA    1 
HETATM 328 NA NA    . NA  L 3 . ? -14.371 -0.230  11.071  0.25 9.51  ? 18  NA  B NA    1 
HETATM 329 NA NA    . NA  M 3 . ? -16.493 0.334   14.425  0.25 55.89 ? 19  NA  B NA    1 
HETATM 330 NA NA    . NA  N 3 . ? -5.679  -2.541  -2.664  0.25 53.89 ? 20  NA  B NA    1 
HETATM 331 MG MG    . MG  O 4 . ? -18.473 0.860   17.552  0.06 48.41 ? 21  MG  B MG    1 
HETATM 332 MG MG    . MG  P 4 . ? -8.666  -1.747  2.056   0.25 17.04 ? 22  MG  B MG    1 
HETATM 333 O  O     . HOH Q 5 . ? -2.030  -3.511  -8.430  0.25 11.51 ? 101 HOH A O     1 
HETATM 334 O  O     . HOH Q 5 . ? -3.835  -3.031  -5.577  0.12 57.37 ? 103 HOH A O     1 
HETATM 335 O  O     . HOH Q 5 . ? 5.691   -7.855  -20.861 0.75 31.34 ? 107 HOH A O     1 
HETATM 336 O  O     . HOH Q 5 . ? 7.733   -7.792  -19.606 0.25 23.12 ? 108 HOH A O     1 
HETATM 337 O  O     . HOH Q 5 . ? 4.726   1.850   -7.451  1.00 12.35 ? 115 HOH A O     1 
HETATM 338 O  O     . HOH Q 5 . ? 4.986   -10.323 -8.586  1.00 12.64 ? 116 HOH A O     1 
HETATM 339 O  O     . HOH Q 5 . ? 7.834   -0.931  -9.339  1.00 12.73 ? 120 HOH A O     1 
HETATM 340 O  O     . HOH Q 5 . ? 3.964   4.246   -8.416  1.00 13.55 ? 122 HOH A O     1 
HETATM 341 O  O     . HOH Q 5 . ? 6.935   2.639   -5.865  1.00 12.71 ? 123 HOH A O     1 
HETATM 342 O  O     . HOH Q 5 . ? 2.191   -13.219 -15.576 1.00 14.58 ? 124 HOH A O     1 
HETATM 343 O  O     . HOH Q 5 . ? 2.178   6.198   -8.526  1.00 19.36 ? 127 HOH A O     1 
HETATM 344 O  O     . HOH Q 5 . ? 5.207   1.912   1.687   1.00 17.86 ? 128 HOH A O     1 
HETATM 345 O  O     . HOH Q 5 . ? 9.599   -11.629 -15.584 1.00 19.64 ? 129 HOH A O     1 
HETATM 346 O  O     . HOH Q 5 . ? 9.946   -18.013 -13.788 1.00 16.79 ? 130 HOH A O     1 
HETATM 347 O  O     . HOH Q 5 . ? 9.149   -3.132  -9.831  1.00 20.82 ? 133 HOH A O     1 
HETATM 348 O  O     . HOH Q 5 . ? 10.060  -15.720 -10.671 1.00 16.38 ? 135 HOH A O     1 
HETATM 349 O  O     . HOH Q 5 . ? 11.969  -7.018  -11.031 1.00 20.08 ? 137 HOH A O     1 
HETATM 350 O  O     . HOH Q 5 . ? 9.218   -6.884  -2.640  1.00 21.90 ? 138 HOH A O     1 
HETATM 351 O  O     . HOH Q 5 . ? 0.250   -12.563 -19.974 1.00 21.48 ? 139 HOH A O     1 
HETATM 352 O  O     . HOH Q 5 . ? 12.490  -7.369  -4.669  1.00 20.51 ? 146 HOH A O     1 
HETATM 353 O  O     . HOH Q 5 . ? 8.256   2.429   -8.321  1.00 31.80 ? 148 HOH A O     1 
HETATM 354 O  O     . HOH Q 5 . ? 10.343  0.758   -3.826  1.00 22.24 ? 149 HOH A O     1 
HETATM 355 O  O     . HOH Q 5 . ? 6.388   5.749   -8.923  1.00 25.56 ? 151 HOH A O     1 
HETATM 356 O  O     . HOH Q 5 . ? 10.310  -6.725  -0.017  1.00 27.06 ? 152 HOH A O     1 
HETATM 357 O  O     . HOH Q 5 . ? 11.847  -13.531 -10.543 1.00 29.41 ? 153 HOH A O     1 
HETATM 358 O  O     . HOH Q 5 . ? 5.868   -19.236 -12.797 1.00 24.62 ? 155 HOH A O     1 
HETATM 359 O  O     . HOH Q 5 . ? 10.017  -9.508  -3.475  1.00 27.88 ? 156 HOH A O     1 
HETATM 360 O  O     . HOH Q 5 . ? 6.643   0.778   3.733   1.00 25.34 ? 158 HOH A O     1 
HETATM 361 O  O     . HOH Q 5 . ? 7.440   -13.463 -7.058  1.00 40.85 ? 164 HOH A O     1 
HETATM 362 O  O     . HOH Q 5 . ? 13.408  -6.544  -9.139  1.00 28.63 ? 168 HOH A O     1 
HETATM 363 O  O     . HOH Q 5 . ? 10.009  -13.902 -14.339 1.00 25.36 ? 169 HOH A O     1 
HETATM 364 O  O     . HOH Q 5 . ? 3.593   6.927   0.876   1.00 32.69 ? 173 HOH A O     1 
HETATM 365 O  O     . HOH Q 5 . ? 13.031  -8.324  -7.022  1.00 28.57 ? 175 HOH A O     1 
HETATM 366 O  O     . HOH Q 5 . ? 2.949   9.979   -1.947  1.00 38.51 ? 179 HOH A O     1 
HETATM 367 O  O     . HOH Q 5 . ? 5.934   -1.132  5.026   1.00 33.86 ? 183 HOH A O     1 
HETATM 368 O  O     . HOH Q 5 . ? 8.188   -16.652 -19.429 1.00 45.33 ? 184 HOH A O     1 
HETATM 369 O  O     . HOH Q 5 . ? 11.420  -1.100  -5.294  1.00 32.73 ? 186 HOH A O     1 
HETATM 370 O  O     . HOH Q 5 . ? 9.015   6.331   -5.260  1.00 33.75 ? 187 HOH A O     1 
HETATM 371 O  O     . HOH Q 5 . ? 10.585  -9.730  -18.485 1.00 43.29 ? 190 HOH A O     1 
HETATM 372 O  O     . HOH Q 5 . ? 8.138   -15.394 -8.835  1.00 34.04 ? 192 HOH A O     1 
HETATM 373 O  O     . HOH Q 5 . ? 10.463  0.116   -8.658  1.00 37.07 ? 195 HOH A O     1 
HETATM 374 O  O     . HOH Q 5 . ? 6.942   9.039   -3.091  1.00 58.80 ? 200 HOH A O     1 
HETATM 375 O  O     . HOH Q 5 . ? 4.933   4.260   0.909   1.00 37.20 ? 201 HOH A O     1 
HETATM 376 O  O     . HOH Q 5 . ? 0.862   -16.021 -20.033 1.00 46.86 ? 202 HOH A O     1 
HETATM 377 O  O     . HOH Q 5 . ? -3.258  10.312  -4.488  1.00 55.95 ? 207 HOH A O     1 
HETATM 378 O  O     . HOH Q 5 . ? 2.550   -13.521 -19.148 1.00 46.60 ? 208 HOH A O     1 
HETATM 379 O  O     . HOH Q 5 . ? 7.497   -10.147 -20.385 1.00 48.35 ? 209 HOH A O     1 
HETATM 380 O  O     . HOH Q 5 . ? 4.450   -12.441 -21.399 1.00 43.24 ? 210 HOH A O     1 
HETATM 381 O  O     . HOH Q 5 . ? 4.029   -17.384 -12.917 1.00 57.06 ? 211 HOH A O     1 
HETATM 382 O  O     . HOH Q 5 . ? 3.332   -15.951 -19.123 1.00 55.33 ? 212 HOH A O     1 
HETATM 383 O  O     . HOH R 5 . ? -7.117  -0.524  2.906   1.00 46.08 ? 102 HOH B O     1 
HETATM 384 O  O     . HOH R 5 . ? -7.403  -2.083  0.062   0.25 40.71 ? 106 HOH B O     1 
HETATM 385 O  O     . HOH R 5 . ? -15.897 2.673   14.789  0.75 37.29 ? 109 HOH B O     1 
HETATM 386 O  O     . HOH R 5 . ? -17.463 2.490   13.831  0.25 18.58 ? 110 HOH B O     1 
HETATM 387 O  O     . HOH R 5 . ? -17.689 2.638   17.928  0.25 38.96 ? 111 HOH B O     1 
HETATM 388 O  O     . HOH R 5 . ? -4.839  3.736   9.014   1.00 10.04 ? 112 HOH B O     1 
HETATM 389 O  O     . HOH R 5 . ? -1.983  5.791   6.946   1.00 10.24 ? 113 HOH B O     1 
HETATM 390 O  O     . HOH R 5 . ? -5.989  -5.793  11.010  1.00 12.06 ? 114 HOH B O     1 
HETATM 391 O  O     . HOH R 5 . ? -6.018  -8.263  7.009   1.00 10.98 ? 117 HOH B O     1 
HETATM 392 O  O     . HOH R 5 . ? -1.715  1.777   8.042   1.00 12.87 ? 118 HOH B O     1 
HETATM 393 O  O     . HOH R 5 . ? -12.030 7.889   9.730   1.00 15.31 ? 119 HOH B O     1 
HETATM 394 O  O     . HOH R 5 . ? -9.336  7.051   8.692   1.00 16.04 ? 121 HOH B O     1 
HETATM 395 O  O     . HOH R 5 . ? -0.371  -0.518  8.004   1.00 21.41 ? 125 HOH B O     1 
HETATM 396 O  O     . HOH R 5 . ? 1.056   7.639   0.007   1.00 16.97 ? 126 HOH B O     1 
HETATM 397 O  O     . HOH R 5 . ? -7.196  2.362   15.315  1.00 20.60 ? 131 HOH B O     1 
HETATM 398 O  O     . HOH R 5 . ? -0.579  3.134   10.362  1.00 14.23 ? 132 HOH B O     1 
HETATM 399 O  O     . HOH R 5 . ? 1.384   -1.472  10.069  1.00 17.22 ? 134 HOH B O     1 
HETATM 400 O  O     . HOH R 5 . ? 1.515   -0.930  13.842  1.00 18.12 ? 136 HOH B O     1 
HETATM 401 O  O     . HOH R 5 . ? 1.534   7.140   8.943   1.00 21.78 ? 140 HOH B O     1 
HETATM 402 O  O     . HOH R 5 . ? -4.256  8.387   15.681  1.00 15.80 ? 141 HOH B O     1 
HETATM 403 O  O     . HOH R 5 . ? -17.481 7.792   10.530  1.00 24.77 ? 142 HOH B O     1 
HETATM 404 O  O     . HOH R 5 . ? -3.699  6.224   9.125   1.00 17.14 ? 143 HOH B O     1 
HETATM 405 O  O     . HOH R 5 . ? -0.867  5.025   12.475  1.00 27.92 ? 144 HOH B O     1 
HETATM 406 O  O     . HOH R 5 . ? -1.410  10.193  6.633   1.00 23.18 ? 145 HOH B O     1 
HETATM 407 O  O     . HOH R 5 . ? -5.127  8.584   9.120   1.00 23.15 ? 147 HOH B O     1 
HETATM 408 O  O     . HOH R 5 . ? -3.173  15.902  5.287   1.00 35.44 ? 150 HOH B O     1 
HETATM 409 O  O     . HOH R 5 . ? -1.021  8.924   8.963   1.00 25.63 ? 154 HOH B O     1 
HETATM 410 O  O     . HOH R 5 . ? -20.128 7.043   9.730   1.00 30.07 ? 157 HOH B O     1 
HETATM 411 O  O     . HOH R 5 . ? -5.182  13.152  7.264   1.00 25.68 ? 159 HOH B O     1 
HETATM 412 O  O     . HOH R 5 . ? -15.537 8.643   11.864  1.00 33.12 ? 160 HOH B O     1 
HETATM 413 O  O     . HOH R 5 . ? -3.846  0.702   17.064  1.00 28.51 ? 161 HOH B O     1 
HETATM 414 O  O     . HOH R 5 . ? -3.508  14.495  0.603   1.00 30.94 ? 162 HOH B O     1 
HETATM 415 O  O     . HOH R 5 . ? -2.932  8.098   13.197  1.00 37.07 ? 163 HOH B O     1 
HETATM 416 O  O     . HOH R 5 . ? -3.194  10.878  -1.611  1.00 33.56 ? 165 HOH B O     1 
HETATM 417 O  O     . HOH R 5 . ? -5.317  10.241  7.525   1.00 31.89 ? 166 HOH B O     1 
HETATM 418 O  O     . HOH R 5 . ? -1.783  6.687   11.176  1.00 33.69 ? 167 HOH B O     1 
HETATM 419 O  O     . HOH R 5 . ? 4.861   5.858   7.626   1.00 38.64 ? 170 HOH B O     1 
HETATM 420 O  O     . HOH R 5 . ? -4.620  12.623  -0.666  1.00 28.43 ? 171 HOH B O     1 
HETATM 421 O  O     . HOH R 5 . ? -4.436  9.791   11.600  1.00 32.85 ? 172 HOH B O     1 
HETATM 422 O  O     . HOH R 5 . ? 1.344   5.755   12.774  1.00 37.60 ? 174 HOH B O     1 
HETATM 423 O  O     . HOH R 5 . ? -0.140  1.441   14.067  1.00 36.58 ? 176 HOH B O     1 
HETATM 424 O  O     . HOH R 5 . ? 0.382   10.073  -0.899  1.00 41.54 ? 177 HOH B O     1 
HETATM 425 O  O     . HOH R 5 . ? -6.085  13.210  -2.910  1.00 45.43 ? 178 HOH B O     1 
HETATM 426 O  O     . HOH R 5 . ? -6.384  -0.019  18.573  1.00 29.10 ? 180 HOH B O     1 
HETATM 427 O  O     . HOH R 5 . ? -6.869  11.029  10.781  1.00 35.43 ? 181 HOH B O     1 
HETATM 428 O  O     . HOH R 5 . ? 3.603   9.379   2.398   1.00 44.60 ? 182 HOH B O     1 
HETATM 429 O  O     . HOH R 5 . ? -2.046  -0.605  16.240  1.00 46.67 ? 185 HOH B O     1 
HETATM 430 O  O     . HOH R 5 . ? -4.369  17.430  -0.053  1.00 46.70 ? 188 HOH B O     1 
HETATM 431 O  O     . HOH R 5 . ? -8.974  9.303   8.910   1.00 32.74 ? 189 HOH B O     1 
HETATM 432 O  O     . HOH R 5 . ? -0.447  -3.925  15.647  1.00 26.63 ? 191 HOH B O     1 
HETATM 433 O  O     . HOH R 5 . ? -7.939  9.720   17.241  1.00 32.06 ? 193 HOH B O     1 
HETATM 434 O  O     . HOH R 5 . ? -0.980  -6.079  16.433  1.00 46.87 ? 194 HOH B O     1 
HETATM 435 O  O     . HOH R 5 . ? -6.461  0.839   21.584  1.00 42.37 ? 196 HOH B O     1 
HETATM 436 O  O     . HOH R 5 . ? 1.840   11.724  2.005   1.00 47.18 ? 197 HOH B O     1 
HETATM 437 O  O     . HOH R 5 . ? -1.513  11.617  -0.255  1.00 34.62 ? 198 HOH B O     1 
HETATM 438 O  O     . HOH R 5 . ? 3.691   8.261   7.179   1.00 50.83 ? 199 HOH B O     1 
HETATM 439 O  O     . HOH R 5 . ? 4.025   10.220  6.320   1.00 54.79 ? 203 HOH B O     1 
HETATM 440 O  O     . HOH R 5 . ? -7.694  12.506  14.466  1.00 38.44 ? 204 HOH B O     1 
HETATM 441 O  O     . HOH R 5 . ? -0.416  14.707  0.042   1.00 36.86 ? 205 HOH B O     1 
HETATM 442 O  O     . HOH R 5 . ? -6.529  15.404  -3.426  1.00 50.25 ? 206 HOH B O     1 
# 
loop_
_atom_site_anisotrop.id 
_atom_site_anisotrop.type_symbol 
_atom_site_anisotrop.pdbx_label_atom_id 
_atom_site_anisotrop.pdbx_label_alt_id 
_atom_site_anisotrop.pdbx_label_comp_id 
_atom_site_anisotrop.pdbx_label_asym_id 
_atom_site_anisotrop.pdbx_label_seq_id 
_atom_site_anisotrop.pdbx_PDB_ins_code 
_atom_site_anisotrop.U[1][1] 
_atom_site_anisotrop.U[2][2] 
_atom_site_anisotrop.U[3][3] 
_atom_site_anisotrop.U[1][2] 
_atom_site_anisotrop.U[1][3] 
_atom_site_anisotrop.U[2][3] 
_atom_site_anisotrop.pdbx_auth_seq_id 
_atom_site_anisotrop.pdbx_auth_comp_id 
_atom_site_anisotrop.pdbx_auth_asym_id 
_atom_site_anisotrop.pdbx_auth_atom_id 
1   O  "O5'" . DG A 1 ? 0.0926 0.1183 0.1333 0.0027  -0.0167 0.0155  1  DG A "O5'" 
2   C  "C5'" . DG A 1 ? 0.1028 0.1259 0.1336 -0.0009 -0.0062 -0.0058 1  DG A "C5'" 
3   C  "C4'" . DG A 1 ? 0.0785 0.1335 0.1069 -0.0018 -0.0333 -0.0036 1  DG A "C4'" 
4   O  "O4'" . DG A 1 ? 0.1048 0.1208 0.1005 -0.0069 -0.0106 -0.0023 1  DG A "O4'" 
5   C  "C3'" . DG A 1 ? 0.1017 0.1055 0.1280 -0.0060 -0.0201 -0.0012 1  DG A "C3'" 
6   O  "O3'" . DG A 1 ? 0.0971 0.1391 0.1443 0.0105  -0.0344 -0.0045 1  DG A "O3'" 
7   C  "C2'" . DG A 1 ? 0.0897 0.1286 0.1214 0.0044  -0.0230 -0.0132 1  DG A "C2'" 
8   C  "C1'" . DG A 1 ? 0.0779 0.1185 0.1355 0.0044  -0.0190 -0.0152 1  DG A "C1'" 
9   N  N9    . DG A 1 ? 0.0940 0.1004 0.1083 0.0001  -0.0240 0.0058  1  DG A N9    
10  C  C8    . DG A 1 ? 0.1118 0.0907 0.0856 0.0017  -0.0181 -0.0015 1  DG A C8    
11  N  N7    . DG A 1 ? 0.0846 0.1015 0.1124 -0.0037 -0.0010 0.0103  1  DG A N7    
12  C  C5    . DG A 1 ? 0.0833 0.1000 0.0957 -0.0032 -0.0054 0.0063  1  DG A C5    
13  C  C6    . DG A 1 ? 0.0787 0.1035 0.0881 -0.0093 -0.0069 0.0066  1  DG A C6    
14  O  O6    . DG A 1 ? 0.0837 0.0840 0.1114 -0.0057 -0.0169 0.0101  1  DG A O6    
15  N  N1    . DG A 1 ? 0.0975 0.0968 0.0826 -0.0073 -0.0110 -0.0020 1  DG A N1    
16  C  C2    . DG A 1 ? 0.0948 0.0925 0.0947 -0.0001 -0.0107 0.0011  1  DG A C2    
17  N  N2    . DG A 1 ? 0.0944 0.0904 0.1130 -0.0062 -0.0002 -0.0002 1  DG A N2    
18  N  N3    . DG A 1 ? 0.0906 0.1044 0.1076 -0.0048 -0.0066 0.0068  1  DG A N3    
19  C  C4    . DG A 1 ? 0.0852 0.0964 0.0840 0.0080  -0.0084 -0.0036 1  DG A C4    
20  P  P     . DG A 2 ? 0.0971 0.1319 0.1878 0.0022  -0.0211 -0.0138 2  DG A P     
21  O  OP1   . DG A 2 ? 0.1084 0.1936 0.2139 0.0221  -0.0810 -0.0264 2  DG A OP1   
22  O  OP2   . DG A 2 ? 0.1538 0.1543 0.2445 -0.0319 0.0318  -0.0251 2  DG A OP2   
23  O  "O5'" . DG A 2 ? 0.1113 0.1227 0.1413 0.0019  -0.0279 -0.0037 2  DG A "O5'" 
24  C  "C5'" . DG A 2 ? 0.1846 0.1232 0.1489 -0.0072 -0.0461 0.0073  2  DG A "C5'" 
25  C  "C4'" . DG A 2 ? 0.1331 0.1142 0.1402 0.0135  -0.0309 -0.0021 2  DG A "C4'" 
26  O  "O4'" . DG A 2 ? 0.1179 0.1143 0.1307 0.0138  -0.0168 0.0018  2  DG A "O4'" 
27  C  "C3'" . DG A 2 ? 0.1160 0.1197 0.1665 0.0303  -0.0236 -0.0047 2  DG A "C3'" 
28  O  "O3'" . DG A 2 ? 0.1849 0.1215 0.2373 0.0509  -0.0111 -0.0148 2  DG A "O3'" 
29  C  "C2'" . DG A 2 ? 0.1000 0.1417 0.1374 0.0236  -0.0162 -0.0118 2  DG A "C2'" 
30  C  "C1'" . DG A 2 ? 0.1077 0.1131 0.1294 0.0163  -0.0190 0.0018  2  DG A "C1'" 
31  N  N9    . DG A 2 ? 0.0888 0.0905 0.1105 0.0008  -0.0164 -0.0108 2  DG A N9    
32  C  C8    . DG A 2 ? 0.0966 0.0929 0.1105 0.0022  -0.0149 -0.0089 2  DG A C8    
33  N  N7    . DG A 2 ? 0.0925 0.0991 0.1093 -0.0079 -0.0167 0.0026  2  DG A N7    
34  C  C5    . DG A 2 ? 0.1010 0.0900 0.0910 -0.0011 -0.0145 0.0102  2  DG A C5    
35  C  C6    . DG A 2 ? 0.0835 0.0861 0.1166 0.0099  -0.0101 0.0032  2  DG A C6    
36  O  O6    . DG A 2 ? 0.0774 0.0847 0.1133 -0.0029 -0.0154 0.0117  2  DG A O6    
37  N  N1    . DG A 2 ? 0.0793 0.0910 0.1057 0.0085  -0.0068 0.0045  2  DG A N1    
38  C  C2    . DG A 2 ? 0.0935 0.0931 0.1067 0.0025  -0.0164 0.0054  2  DG A C2    
39  N  N2    . DG A 2 ? 0.1044 0.0914 0.1052 0.0005  -0.0083 -0.0125 2  DG A N2    
40  N  N3    . DG A 2 ? 0.0831 0.0851 0.1095 0.0065  -0.0112 0.0000  2  DG A N3    
41  C  C4    . DG A 2 ? 0.0928 0.0926 0.0986 0.0007  -0.0110 0.0038  2  DG A C4    
42  P  P     . DG A 3 ? 0.1381 0.1465 0.2785 0.0362  -0.0101 -0.0457 3  DG A P     
43  O  OP1   . DG A 3 ? 0.2243 0.1804 0.3654 0.1046  -0.0854 -0.0891 3  DG A OP1   
44  O  OP2   . DG A 3 ? 0.1491 0.1921 0.3086 -0.0025 0.0492  -0.0738 3  DG A OP2   
45  O  "O5'" . DG A 3 ? 0.1520 0.1403 0.2026 0.0106  0.0001  0.0066  3  DG A "O5'" 
46  C  "C5'" . DG A 3 ? 0.1845 0.1560 0.1548 0.0003  -0.0412 0.0322  3  DG A "C5'" 
47  C  "C4'" . DG A 3 ? 0.1425 0.1289 0.1504 0.0345  -0.0172 0.0105  3  DG A "C4'" 
48  O  "O4'" . DG A 3 ? 0.1403 0.1348 0.1387 0.0329  -0.0156 -0.0102 3  DG A "O4'" 
49  C  "C3'" . DG A 3 ? 0.1447 0.1416 0.1578 0.0353  0.0033  0.0148  3  DG A "C3'" 
50  O  "O3'" . DG A 3 ? 0.2270 0.1257 0.1902 0.0229  -0.0067 0.0057  3  DG A "O3'" 
51  C  "C2'" . DG A 3 ? 0.1571 0.1188 0.1574 0.0491  0.0062  0.0062  3  DG A "C2'" 
52  C  "C1'" . DG A 3 ? 0.1312 0.1095 0.1363 0.0244  -0.0132 -0.0027 3  DG A "C1'" 
53  N  N9    . DG A 3 ? 0.1118 0.1046 0.1550 0.0169  -0.0135 -0.0083 3  DG A N9    
54  C  C8    . DG A 3 ? 0.1170 0.1115 0.1226 0.0161  -0.0144 -0.0202 3  DG A C8    
55  N  N7    . DG A 3 ? 0.0937 0.1156 0.1294 0.0071  -0.0105 -0.0099 3  DG A N7    
56  C  C5    . DG A 3 ? 0.0963 0.0929 0.1140 -0.0045 -0.0004 -0.0032 3  DG A C5    
57  C  C6    . DG A 3 ? 0.0912 0.0920 0.1121 -0.0009 0.0044  -0.0033 3  DG A C6    
58  O  O6    . DG A 3 ? 0.0935 0.0831 0.1111 0.0025  0.0041  0.0013  3  DG A O6    
59  N  N1    . DG A 3 ? 0.0985 0.0775 0.1110 0.0050  0.0035  -0.0039 3  DG A N1    
60  C  C2    . DG A 3 ? 0.0933 0.0860 0.1340 -0.0016 -0.0012 -0.0003 3  DG A C2    
61  N  N2    . DG A 3 ? 0.1207 0.0947 0.1048 -0.0102 -0.0015 -0.0148 3  DG A N2    
62  N  N3    . DG A 3 ? 0.1213 0.0713 0.1187 0.0117  -0.0099 -0.0076 3  DG A N3    
63  C  C4    . DG A 3 ? 0.1075 0.1039 0.1140 0.0041  -0.0024 0.0024  3  DG A C4    
64  P  P     . DG A 4 ? 0.2097 0.1402 0.2038 0.0134  -0.0281 -0.0002 4  DG A P     
65  O  OP1   . DG A 4 ? 0.3296 0.1385 0.2464 -0.0173 -0.0318 0.0212  4  DG A OP1   
66  O  OP2   . DG A 4 ? 0.2009 0.2666 0.2428 0.0333  -0.0350 -0.0732 4  DG A OP2   
67  O  "O5'" . DG A 4 ? 0.2115 0.1507 0.1949 0.0049  -0.0234 0.0009  4  DG A "O5'" 
68  C  "C5'" . DG A 4 ? 0.1967 0.1358 0.1617 0.0184  0.0001  -0.0277 4  DG A "C5'" 
69  C  "C4'" . DG A 4 ? 0.1688 0.1134 0.2030 0.0270  -0.0047 0.0092  4  DG A "C4'" 
70  O  "O4'" . DG A 4 ? 0.1632 0.1069 0.1862 0.0087  0.0018  -0.0159 4  DG A "O4'" 
71  C  "C3'" . DG A 4 ? 0.1876 0.1127 0.1817 0.0282  0.0013  0.0054  4  DG A "C3'" 
72  O  "O3'" . DG A 4 ? 0.2949 0.1444 0.2274 -0.0351 0.0136  -0.0509 4  DG A "O3'" 
73  C  "C2'" . DG A 4 ? 0.1881 0.0978 0.2004 0.0291  0.0196  -0.0193 4  DG A "C2'" 
74  C  "C1'" . DG A 4 ? 0.1507 0.0956 0.1739 0.0058  -0.0255 -0.0092 4  DG A "C1'" 
75  N  N9    . DG A 4 ? 0.1182 0.0963 0.1618 0.0167  -0.0096 -0.0159 4  DG A N9    
76  C  C8    . DG A 4 ? 0.1221 0.0851 0.1435 0.0093  -0.0035 -0.0007 4  DG A C8    
77  N  N7    . DG A 4 ? 0.1087 0.0909 0.1432 0.0001  -0.0159 0.0022  4  DG A N7    
78  C  C5    . DG A 4 ? 0.1173 0.0947 0.1301 0.0035  -0.0112 0.0044  4  DG A C5    
79  C  C6    . DG A 4 ? 0.0898 0.0959 0.1250 0.0067  0.0020  -0.0017 4  DG A C6    
80  O  O6    . DG A 4 ? 0.1048 0.0950 0.1039 0.0005  0.0089  0.0094  4  DG A O6    
81  N  N1    . DG A 4 ? 0.1044 0.0894 0.1166 0.0022  0.0094  -0.0106 4  DG A N1    
82  C  C2    . DG A 4 ? 0.1057 0.0876 0.1395 -0.0019 -0.0011 0.0038  4  DG A C2    
83  N  N2    . DG A 4 ? 0.1351 0.1120 0.1383 -0.0052 -0.0251 -0.0104 4  DG A N2    
84  N  N3    . DG A 4 ? 0.1298 0.0816 0.1304 0.0037  -0.0102 -0.0080 4  DG A N3    
85  C  C4    . DG A 4 ? 0.1307 0.0955 0.1113 0.0073  -0.0114 -0.0035 4  DG A C4    
86  O  "O5'" . DG B 1 ? 0.1047 0.1013 0.1024 0.0029  -0.0105 0.0121  5  DG B "O5'" 
87  C  "C5'" . DG B 1 ? 0.1071 0.0899 0.1403 0.0064  -0.0255 0.0018  5  DG B "C5'" 
88  C  "C4'" . DG B 1 ? 0.1071 0.0917 0.1084 0.0098  -0.0283 0.0057  5  DG B "C4'" 
89  O  "O4'" . DG B 1 ? 0.0884 0.0881 0.1086 -0.0026 -0.0232 0.0050  5  DG B "O4'" 
90  C  "C3'" . DG B 1 ? 0.0997 0.0924 0.1106 0.0047  -0.0264 0.0085  5  DG B "C3'" 
91  O  "O3'" . DG B 1 ? 0.1142 0.1083 0.1272 -0.0004 -0.0412 -0.0011 5  DG B "O3'" 
92  C  "C2'" . DG B 1 ? 0.1060 0.0914 0.1155 0.0091  -0.0244 0.0040  5  DG B "C2'" 
93  C  "C1'" . DG B 1 ? 0.1109 0.0923 0.1019 0.0044  -0.0332 0.0010  5  DG B "C1'" 
94  N  N9    . DG B 1 ? 0.0842 0.0963 0.1017 0.0021  -0.0247 -0.0029 5  DG B N9    
95  C  C8    . DG B 1 ? 0.0956 0.0869 0.1015 0.0010  -0.0200 -0.0101 5  DG B C8    
96  N  N7    . DG B 1 ? 0.0962 0.0777 0.1007 -0.0082 -0.0136 0.0040  5  DG B N7    
97  C  C5    . DG B 1 ? 0.0797 0.0827 0.1024 -0.0013 -0.0128 -0.0004 5  DG B C5    
98  C  C6    . DG B 1 ? 0.0854 0.0843 0.0770 -0.0018 -0.0107 0.0074  5  DG B C6    
99  O  O6    . DG B 1 ? 0.0899 0.0752 0.0991 -0.0043 -0.0172 0.0026  5  DG B O6    
100 N  N1    . DG B 1 ? 0.0822 0.0770 0.0970 0.0051  -0.0083 0.0005  5  DG B N1    
101 C  C2    . DG B 1 ? 0.0881 0.0806 0.0768 -0.0064 -0.0010 0.0082  5  DG B C2    
102 N  N2    . DG B 1 ? 0.0886 0.0713 0.1032 -0.0004 -0.0078 0.0034  5  DG B N2    
103 N  N3    . DG B 1 ? 0.0849 0.0750 0.0964 0.0021  -0.0082 0.0031  5  DG B N3    
104 C  C4    . DG B 1 ? 0.0846 0.0738 0.0827 -0.0018 -0.0061 0.0015  5  DG B C4    
105 P  P     . DG B 2 ? 0.1462 0.1116 0.1295 0.0058  -0.0524 0.0025  6  DG B P     
106 O  OP1   . DG B 2 ? 0.1459 0.1315 0.1774 0.0197  -0.0745 -0.0192 6  DG B OP1   
107 O  OP2   . DG B 2 ? 0.2268 0.1376 0.1248 -0.0077 -0.0397 0.0021  6  DG B OP2   
108 O  "O5'" . DG B 2 ? 0.1253 0.1139 0.1209 -0.0011 -0.0427 -0.0059 6  DG B "O5'" 
109 C  "C5'" . DG B 2 ? 0.1030 0.1084 0.1291 -0.0017 -0.0387 -0.0037 6  DG B "C5'" 
110 C  "C4'" . DG B 2 ? 0.0999 0.1152 0.1383 0.0018  -0.0374 -0.0138 6  DG B "C4'" 
111 O  "O4'" . DG B 2 ? 0.0854 0.1379 0.1132 -0.0011 -0.0267 -0.0166 6  DG B "O4'" 
112 C  "C3'" . DG B 2 ? 0.1219 0.1079 0.1217 -0.0029 -0.0427 -0.0103 6  DG B "C3'" 
113 O  "O3'" . DG B 2 ? 0.1162 0.1157 0.1432 -0.0161 -0.0120 -0.0182 6  DG B "O3'" 
114 C  "C2'" . DG B 2 ? 0.1166 0.1190 0.1025 -0.0148 -0.0275 -0.0029 6  DG B "C2'" 
115 C  "C1'" . DG B 2 ? 0.0882 0.0916 0.0992 -0.0084 -0.0170 -0.0001 6  DG B "C1'" 
116 N  N9    . DG B 2 ? 0.0911 0.0782 0.1175 -0.0059 -0.0264 0.0042  6  DG B N9    
117 C  C8    . DG B 2 ? 0.1185 0.0843 0.0881 -0.0090 -0.0289 -0.0011 6  DG B C8    
118 N  N7    . DG B 2 ? 0.0850 0.0816 0.0907 -0.0069 -0.0124 0.0090  6  DG B N7    
119 C  C5    . DG B 2 ? 0.0850 0.0853 0.0842 -0.0063 -0.0101 0.0014  6  DG B C5    
120 C  C6    . DG B 2 ? 0.0829 0.0755 0.0899 0.0027  -0.0149 -0.0105 6  DG B C6    
121 O  O6    . DG B 2 ? 0.0891 0.0807 0.1034 -0.0023 -0.0204 0.0064  6  DG B O6    
122 N  N1    . DG B 2 ? 0.0768 0.0882 0.0900 -0.0068 -0.0120 0.0065  6  DG B N1    
123 C  C2    . DG B 2 ? 0.0769 0.0846 0.0844 -0.0040 0.0017  0.0007  6  DG B C2    
124 N  N2    . DG B 2 ? 0.1041 0.0829 0.0998 -0.0055 -0.0071 0.0057  6  DG B N2    
125 N  N3    . DG B 2 ? 0.0872 0.0807 0.0925 -0.0090 -0.0151 -0.0012 6  DG B N3    
126 C  C4    . DG B 2 ? 0.0900 0.0850 0.0895 -0.0096 -0.0157 0.0064  6  DG B C4    
127 P  P     . DG B 3 ? 0.1377 0.1237 0.1154 -0.0108 -0.0338 -0.0122 7  DG B P     
128 O  OP1   . DG B 3 ? 0.1611 0.1450 0.1438 -0.0251 -0.0473 -0.0274 7  DG B OP1   
129 O  OP2   . DG B 3 ? 0.1504 0.1475 0.1072 -0.0022 -0.0187 -0.0059 7  DG B OP2   
130 O  "O5'" . DG B 3 ? 0.1175 0.1226 0.1308 0.0005  -0.0017 0.0045  7  DG B "O5'" 
131 C  "C5'" . DG B 3 ? 0.1126 0.1288 0.1280 -0.0119 -0.0155 0.0044  7  DG B "C5'" 
132 C  "C4'" . DG B 3 ? 0.1219 0.1214 0.1208 -0.0139 -0.0293 -0.0119 7  DG B "C4'" 
133 O  "O4'" . DG B 3 ? 0.1106 0.1319 0.1234 -0.0094 -0.0262 -0.0134 7  DG B "O4'" 
134 C  "C3'" . DG B 3 ? 0.1272 0.1315 0.1328 -0.0110 -0.0238 -0.0230 7  DG B "C3'" 
135 O  "O3'" . DG B 3 ? 0.1435 0.1220 0.1589 -0.0173 -0.0312 -0.0224 7  DG B "O3'" 
136 C  "C2'" . DG B 3 ? 0.1377 0.1410 0.1196 -0.0230 -0.0233 -0.0280 7  DG B "C2'" 
137 C  "C1'" . DG B 3 ? 0.1141 0.1034 0.1147 -0.0149 -0.0213 -0.0071 7  DG B "C1'" 
138 N  N9    . DG B 3 ? 0.1183 0.0979 0.1085 -0.0056 -0.0209 -0.0014 7  DG B N9    
139 C  C8    . DG B 3 ? 0.1271 0.0980 0.1280 0.0023  -0.0314 -0.0098 7  DG B C8    
140 N  N7    . DG B 3 ? 0.1022 0.0980 0.1103 0.0035  -0.0229 -0.0004 7  DG B N7    
141 C  C5    . DG B 3 ? 0.1001 0.0868 0.0919 -0.0011 -0.0086 0.0082  7  DG B C5    
142 C  C6    . DG B 3 ? 0.0977 0.0797 0.0881 0.0023  -0.0123 0.0020  7  DG B C6    
143 O  O6    . DG B 3 ? 0.1076 0.0773 0.1155 0.0040  -0.0181 -0.0016 7  DG B O6    
144 N  N1    . DG B 3 ? 0.1061 0.0689 0.1012 -0.0028 -0.0096 0.0011  7  DG B N1    
145 C  C2    . DG B 3 ? 0.1130 0.0707 0.1077 -0.0075 -0.0154 0.0105  7  DG B C2    
146 N  N2    . DG B 3 ? 0.0933 0.0851 0.1167 0.0022  -0.0095 0.0040  7  DG B N2    
147 N  N3    . DG B 3 ? 0.1074 0.0818 0.1119 0.0004  -0.0155 -0.0076 7  DG B N3    
148 C  C4    . DG B 3 ? 0.1080 0.0887 0.1053 -0.0075 -0.0180 -0.0016 7  DG B C4    
149 P  P     . DG B 4 ? 0.1630 0.1419 0.1804 -0.0050 -0.0343 -0.0342 8  DG B P     
150 O  OP1   . DG B 4 ? 0.1932 0.1377 0.2523 -0.0315 -0.0461 -0.0390 8  DG B OP1   
151 O  OP2   . DG B 4 ? 0.1957 0.1823 0.1709 0.0654  -0.0228 -0.0430 8  DG B OP2   
152 O  "O5'" . DG B 4 ? 0.1601 0.1286 0.1899 0.0071  -0.0310 -0.0206 8  DG B "O5'" 
153 C  "C5'" . DG B 4 ? 0.1639 0.1330 0.1860 -0.0244 -0.0338 0.0163  8  DG B "C5'" 
154 C  "C4'" . DG B 4 ? 0.1604 0.0995 0.2140 0.0052  -0.0389 -0.0269 8  DG B "C4'" 
155 O  "O4'" . DG B 4 ? 0.1665 0.1247 0.1806 -0.0259 -0.0330 -0.0255 8  DG B "O4'" 
156 C  "C3'" . DG B 4 ? 0.1572 0.1436 0.2248 0.0092  -0.0156 -0.0513 8  DG B "C3'" 
157 O  "O3'" . DG B 4 ? 0.2338 0.1858 0.3260 0.0778  -0.0304 -0.0928 8  DG B "O3'" 
158 C  "C2'" . DG B 4 ? 0.1973 0.1469 0.1909 -0.0056 0.0037  -0.0620 8  DG B "C2'" 
159 C  "C1'" . DG B 4 ? 0.1428 0.1229 0.1891 0.0086  -0.0243 -0.0210 8  DG B "C1'" 
160 N  N9    . DG B 4 ? 0.1325 0.1200 0.1581 0.0035  -0.0089 -0.0264 8  DG B N9    
161 C  C8    . DG B 4 ? 0.1159 0.1206 0.1387 -0.0039 -0.0006 -0.0150 8  DG B C8    
162 N  N7    . DG B 4 ? 0.1147 0.1172 0.1226 -0.0068 -0.0039 0.0011  8  DG B N7    
163 C  C5    . DG B 4 ? 0.1213 0.1205 0.1134 -0.0034 -0.0051 -0.0075 8  DG B C5    
164 C  C6    . DG B 4 ? 0.1099 0.1151 0.1225 0.0021  -0.0032 -0.0059 8  DG B C6    
165 O  O6    . DG B 4 ? 0.1108 0.1079 0.1065 -0.0021 -0.0075 0.0082  8  DG B O6    
166 N  N1    . DG B 4 ? 0.1229 0.1066 0.1084 0.0007  -0.0093 0.0019  8  DG B N1    
167 C  C2    . DG B 4 ? 0.1210 0.1124 0.1440 0.0089  -0.0072 -0.0181 8  DG B C2    
168 N  N2    . DG B 4 ? 0.1435 0.1074 0.1564 0.0121  -0.0269 -0.0057 8  DG B N2    
169 N  N3    . DG B 4 ? 0.1378 0.1147 0.1496 0.0079  -0.0116 -0.0283 8  DG B N3    
170 C  C4    . DG B 4 ? 0.1251 0.1250 0.1427 0.0046  -0.0059 -0.0184 8  DG B C4    
247 NA NA    . NA E . ? 0.0733 0.0624 0.0909 -0.0031 -0.0186 0.0049  13 NA A NA    
248 NA NA    . NA F . ? 0.0743 0.0649 0.0895 -0.0027 -0.0160 0.0043  14 NA A NA    
249 NA NA    . NA G . ? 0.0991 0.0898 0.1140 -0.0027 -0.0158 0.0042  15 NA A NA    
326 NA NA    . NA J . ? 0.0704 0.0619 0.0840 -0.0024 -0.0144 0.0038  16 NA B NA    
327 NA NA    . NA K . ? 0.0743 0.0636 0.0915 -0.0031 -0.0182 0.0048  17 NA B NA    
328 NA NA    . NA L . ? 0.1202 0.1195 0.1215 -0.0002 -0.0013 0.0004  18 NA B NA    
# 
